data_6RB5
#
_entry.id   6RB5
#
_cell.length_a   63.073
_cell.length_b   132.622
_cell.length_c   161.052
_cell.angle_alpha   90.00
_cell.angle_beta   90.00
_cell.angle_gamma   90.00
#
_symmetry.space_group_name_H-M   'P 21 21 21'
#
loop_
_entity.id
_entity.type
_entity.pdbx_description
1 polymer 'Trypanothione reductase'
2 non-polymer 'FLAVIN-ADENINE DINUCLEOTIDE'
3 non-polymer 'SULFATE ION'
4 non-polymer 4-(((3-(8-(2-((1R,2S,5R)-6,6-dimethylbicyclo[3.1.1]heptan-2-yl)ethyl)-4-oxo-1-phenyl-1,3,8-triazaspiro[4.5]decan-3-yl)propyl)(methyl)amino)methyl)-4-hydroxypiperidine-1-carboximidamide
5 non-polymer GLYCEROL
6 water water
#
_entity_poly.entity_id   1
_entity_poly.type   'polypeptide(L)'
_entity_poly.pdbx_seq_one_letter_code
;MGSSHHHHHHSSGLVPRGSHMSKAFDLVVIGAGSGGLEAGWNAATLYGKRVAVVDVQTSHGPPFYAALGGTCVNVGCVPK
KLMVTGAQYMDHLRESAGFGWEFDGSSVKANWKKLIAAKNEAVLDINKSYEGMFNDTEGLDFFLGWGSLESKNVVVVRET
ADPKSAVKERLQADHILLATGSWPQMPAIPGIEHCISSNEAFYLPEPPRRVLTVGGGFISVEFAGIFNAYKPPGGKVTLC
YRNNLILRGFDETIREEVTKQLTANGIEIMTNENPAKVSLNTDGSKHVTFESGKTLDVDVVMMAIGRIPRTNDLQLGNVG
VKLTPKGGVQVDEFSRTNVPNIYAIGDITDRLMLTPVAINEGAALVDTVFGNKPRKTDHTRVASAVFSIPPIGTCGLIEE
VAAKEFEKVAVYMSSFTPLMHNISGSKYKKFVAKIVTNHSDGTVLGVHLLGDGAPEIIQAVGVCLRLNAKISDFYNTIGV
HPTSAEELCSMRTPSYYYVKGEKMEKLPDSNL
;
_entity_poly.pdbx_strand_id   A,B
#
# COMPACT_ATOMS: atom_id res chain seq x y z
N HIS A 20 -37.28 -7.00 37.40
CA HIS A 20 -37.11 -7.52 35.99
C HIS A 20 -37.15 -6.44 34.89
N MET A 21 -38.19 -5.60 34.85
CA MET A 21 -38.37 -4.60 33.79
C MET A 21 -37.48 -3.38 34.03
N SER A 22 -36.91 -2.82 32.96
CA SER A 22 -36.03 -1.65 33.05
C SER A 22 -36.78 -0.34 32.79
N LYS A 23 -36.06 0.75 33.02
CA LYS A 23 -36.45 2.08 32.56
C LYS A 23 -36.28 2.09 31.05
N ALA A 24 -37.08 2.90 30.35
CA ALA A 24 -37.08 2.92 28.88
C ALA A 24 -35.72 3.34 28.30
N PHE A 25 -35.14 2.47 27.45
CA PHE A 25 -33.99 2.84 26.62
C PHE A 25 -34.50 3.32 25.27
N ASP A 26 -33.85 4.34 24.72
CA ASP A 26 -34.11 4.80 23.35
C ASP A 26 -33.72 3.72 22.34
N LEU A 27 -32.61 3.03 22.61
CA LEU A 27 -32.12 1.96 21.74
C LEU A 27 -31.56 0.80 22.55
N VAL A 28 -32.01 -0.42 22.25
CA VAL A 28 -31.41 -1.63 22.76
C VAL A 28 -30.80 -2.39 21.58
N VAL A 29 -29.49 -2.60 21.67
CA VAL A 29 -28.72 -3.28 20.64
C VAL A 29 -28.41 -4.70 21.10
N ILE A 30 -28.84 -5.68 20.32
CA ILE A 30 -28.48 -7.08 20.60
C ILE A 30 -27.28 -7.43 19.72
N GLY A 31 -26.12 -7.59 20.37
CA GLY A 31 -24.85 -7.87 19.70
C GLY A 31 -23.94 -6.67 19.76
N ALA A 32 -22.86 -6.77 20.54
CA ALA A 32 -21.88 -5.71 20.73
C ALA A 32 -20.71 -5.92 19.78
N GLY A 33 -21.01 -5.95 18.48
CA GLY A 33 -20.02 -6.12 17.43
C GLY A 33 -19.83 -4.88 16.60
N SER A 34 -19.30 -5.08 15.40
CA SER A 34 -18.89 -3.97 14.53
C SER A 34 -20.01 -2.98 14.30
N GLY A 35 -21.15 -3.48 13.84
CA GLY A 35 -22.32 -2.65 13.60
C GLY A 35 -22.98 -2.13 14.87
N GLY A 36 -23.18 -3.04 15.82
CA GLY A 36 -23.89 -2.72 17.05
C GLY A 36 -23.23 -1.68 17.93
N LEU A 37 -21.92 -1.76 18.04
CA LEU A 37 -21.15 -0.77 18.81
C LEU A 37 -21.09 0.60 18.14
N GLU A 38 -21.03 0.63 16.80
CA GLU A 38 -21.08 1.90 16.06
C GLU A 38 -22.43 2.57 16.25
N ALA A 39 -23.50 1.79 16.10
CA ALA A 39 -24.86 2.30 16.33
C ALA A 39 -25.04 2.78 17.76
N GLY A 40 -24.59 1.98 18.71
CA GLY A 40 -24.73 2.30 20.12
C GLY A 40 -23.97 3.56 20.51
N TRP A 41 -22.68 3.59 20.15
CA TRP A 41 -21.81 4.74 20.41
C TRP A 41 -22.34 6.04 19.78
N ASN A 42 -22.76 5.96 18.51
CA ASN A 42 -23.27 7.15 17.79
C ASN A 42 -24.57 7.67 18.39
N ALA A 43 -25.48 6.76 18.72
CA ALA A 43 -26.75 7.11 19.34
C ALA A 43 -26.54 7.83 20.69
N ALA A 44 -25.64 7.28 21.52
CA ALA A 44 -25.35 7.85 22.84
C ALA A 44 -24.59 9.19 22.78
N THR A 45 -23.52 9.25 22.00
CA THR A 45 -22.60 10.40 22.02
C THR A 45 -22.96 11.53 21.04
N LEU A 46 -23.46 11.19 19.86
CA LEU A 46 -23.86 12.23 18.88
C LEU A 46 -25.27 12.76 19.13
N TYR A 47 -26.19 11.90 19.59
CA TYR A 47 -27.59 12.27 19.75
C TYR A 47 -28.10 12.28 21.21
N GLY A 48 -27.21 12.01 22.17
CA GLY A 48 -27.56 12.07 23.59
C GLY A 48 -28.61 11.07 24.06
N LYS A 49 -28.69 9.92 23.39
CA LYS A 49 -29.75 8.94 23.66
C LYS A 49 -29.30 7.91 24.70
N ARG A 50 -30.27 7.28 25.34
CA ARG A 50 -30.00 6.24 26.34
C ARG A 50 -29.99 4.88 25.64
N VAL A 51 -28.86 4.17 25.75
CA VAL A 51 -28.57 3.00 24.94
C VAL A 51 -28.18 1.81 25.80
N ALA A 52 -28.76 0.64 25.50
CA ALA A 52 -28.35 -0.63 26.10
C ALA A 52 -27.74 -1.51 25.00
N VAL A 53 -26.61 -2.15 25.29
CA VAL A 53 -25.96 -3.07 24.36
C VAL A 53 -25.77 -4.41 25.05
N VAL A 54 -26.19 -5.49 24.39
CA VAL A 54 -26.13 -6.84 24.95
C VAL A 54 -25.08 -7.69 24.21
N ASP A 55 -24.24 -8.39 24.96
CA ASP A 55 -23.41 -9.45 24.39
C ASP A 55 -23.22 -10.59 25.40
N VAL A 56 -22.78 -11.74 24.89
CA VAL A 56 -22.78 -13.00 25.63
C VAL A 56 -21.55 -13.20 26.53
N GLN A 57 -20.47 -12.47 26.26
CA GLN A 57 -19.31 -12.43 27.16
C GLN A 57 -18.43 -11.20 26.93
N THR A 58 -17.55 -10.93 27.89
CA THR A 58 -16.73 -9.73 27.92
C THR A 58 -15.34 -9.94 27.35
N SER A 59 -14.92 -11.18 27.15
CA SER A 59 -13.61 -11.48 26.60
C SER A 59 -13.71 -12.59 25.56
N HIS A 60 -12.79 -12.58 24.62
CA HIS A 60 -12.71 -13.56 23.53
C HIS A 60 -12.64 -15.02 23.98
N GLY A 61 -13.04 -15.92 23.08
CA GLY A 61 -12.68 -17.32 23.17
C GLY A 61 -13.78 -18.27 23.61
N PRO A 62 -13.42 -19.57 23.74
CA PRO A 62 -14.42 -20.58 24.12
C PRO A 62 -15.11 -20.19 25.43
N PRO A 63 -16.41 -20.50 25.59
CA PRO A 63 -17.20 -21.31 24.65
C PRO A 63 -17.92 -20.53 23.53
N PHE A 64 -18.03 -19.21 23.61
CA PHE A 64 -18.83 -18.44 22.64
C PHE A 64 -18.04 -17.81 21.49
N TYR A 65 -16.71 -17.73 21.66
CA TYR A 65 -15.75 -17.24 20.65
C TYR A 65 -15.88 -15.74 20.40
N ALA A 66 -16.95 -15.31 19.76
CA ALA A 66 -17.26 -13.90 19.69
C ALA A 66 -17.56 -13.40 21.11
N ALA A 67 -17.48 -12.10 21.27
CA ALA A 67 -17.59 -11.47 22.58
C ALA A 67 -17.78 -9.99 22.33
N LEU A 68 -17.82 -9.22 23.42
CA LEU A 68 -17.71 -7.78 23.37
C LEU A 68 -16.64 -7.34 22.35
N GLY A 69 -17.05 -6.56 21.35
CA GLY A 69 -16.18 -6.20 20.24
C GLY A 69 -16.59 -6.83 18.92
N GLY A 70 -17.26 -7.99 18.97
CA GLY A 70 -17.77 -8.65 17.79
C GLY A 70 -16.86 -9.73 17.23
N THR A 71 -17.26 -10.28 16.10
CA THR A 71 -16.51 -11.33 15.42
C THR A 71 -15.16 -10.82 14.93
N CYS A 72 -15.13 -9.61 14.37
CA CYS A 72 -13.91 -9.04 13.82
C CYS A 72 -12.80 -8.91 14.86
N VAL A 73 -13.14 -8.32 16.00
CA VAL A 73 -12.20 -8.15 17.10
C VAL A 73 -11.72 -9.49 17.68
N ASN A 74 -12.66 -10.43 17.86
CA ASN A 74 -12.41 -11.62 18.67
C ASN A 74 -11.96 -12.85 17.88
N VAL A 75 -12.66 -13.15 16.79
CA VAL A 75 -12.37 -14.34 15.97
C VAL A 75 -12.56 -14.06 14.48
N GLY A 76 -12.00 -12.94 14.03
CA GLY A 76 -12.15 -12.47 12.65
C GLY A 76 -10.98 -11.61 12.20
N CYS A 77 -11.29 -10.48 11.57
CA CYS A 77 -10.29 -9.60 10.92
C CYS A 77 -9.03 -9.34 11.74
N VAL A 78 -9.20 -8.96 13.00
CA VAL A 78 -8.06 -8.53 13.84
C VAL A 78 -7.07 -9.66 14.14
N PRO A 79 -7.53 -10.79 14.75
CA PRO A 79 -6.57 -11.87 15.02
C PRO A 79 -6.05 -12.56 13.76
N LYS A 80 -6.90 -12.75 12.75
CA LYS A 80 -6.43 -13.39 11.53
C LYS A 80 -5.36 -12.55 10.82
N LYS A 81 -5.49 -11.22 10.85
CA LYS A 81 -4.46 -10.34 10.26
C LYS A 81 -3.13 -10.49 11.01
N LEU A 82 -3.18 -10.56 12.33
CA LEU A 82 -1.97 -10.81 13.12
C LEU A 82 -1.34 -12.15 12.75
N MET A 83 -2.17 -13.16 12.56
CA MET A 83 -1.69 -14.50 12.24
C MET A 83 -1.16 -14.61 10.80
N VAL A 84 -1.79 -13.91 9.86
CA VAL A 84 -1.26 -13.83 8.49
C VAL A 84 0.08 -13.08 8.47
N THR A 85 0.17 -11.99 9.23
CA THR A 85 1.44 -11.26 9.38
C THR A 85 2.53 -12.21 9.90
N GLY A 86 2.20 -13.01 10.92
CA GLY A 86 3.08 -14.06 11.41
C GLY A 86 3.51 -15.04 10.34
N ALA A 87 2.54 -15.51 9.56
CA ALA A 87 2.79 -16.46 8.46
C ALA A 87 3.67 -15.90 7.34
N GLN A 88 3.52 -14.60 7.07
CA GLN A 88 4.33 -13.93 6.04
C GLN A 88 5.84 -14.03 6.30
N TYR A 89 6.25 -14.12 7.58
CA TYR A 89 7.68 -14.26 7.91
C TYR A 89 8.33 -15.51 7.31
N MET A 90 7.57 -16.58 7.10
CA MET A 90 8.14 -17.72 6.36
C MET A 90 8.69 -17.24 5.01
N ASP A 91 7.87 -16.48 4.28
CA ASP A 91 8.29 -15.92 2.99
C ASP A 91 9.43 -14.91 3.15
N HIS A 92 9.32 -14.00 4.11
CA HIS A 92 10.40 -13.00 4.37
C HIS A 92 11.74 -13.67 4.67
N LEU A 93 11.76 -14.63 5.60
CA LEU A 93 12.99 -15.35 5.96
C LEU A 93 13.66 -15.98 4.73
N ARG A 94 12.87 -16.67 3.90
CA ARG A 94 13.38 -17.31 2.69
C ARG A 94 13.90 -16.27 1.68
N GLU A 95 13.08 -15.26 1.43
CA GLU A 95 13.37 -14.22 0.43
C GLU A 95 14.56 -13.32 0.80
N SER A 96 14.81 -13.16 2.10
CA SER A 96 15.94 -12.36 2.57
C SER A 96 17.32 -12.83 2.04
N ALA A 97 17.45 -14.14 1.79
CA ALA A 97 18.68 -14.73 1.28
C ALA A 97 19.14 -14.12 -0.04
N GLY A 98 18.19 -13.86 -0.94
CA GLY A 98 18.48 -13.19 -2.23
C GLY A 98 19.10 -11.81 -2.10
N PHE A 99 18.79 -11.11 -1.01
CA PHE A 99 19.34 -9.78 -0.71
C PHE A 99 20.55 -9.85 0.23
N GLY A 100 21.12 -11.04 0.42
CA GLY A 100 22.39 -11.20 1.14
C GLY A 100 22.28 -11.61 2.59
N TRP A 101 21.07 -11.82 3.10
CA TRP A 101 20.91 -12.25 4.50
C TRP A 101 21.23 -13.73 4.62
N GLU A 102 22.07 -14.06 5.59
CA GLU A 102 22.56 -15.41 5.82
C GLU A 102 22.27 -15.75 7.25
N PHE A 103 21.78 -16.97 7.48
CA PHE A 103 21.58 -17.50 8.82
C PHE A 103 21.41 -19.01 8.74
N ASP A 104 21.47 -19.65 9.89
CA ASP A 104 21.34 -21.10 9.98
C ASP A 104 19.87 -21.48 9.76
N GLY A 105 19.56 -21.90 8.52
CA GLY A 105 18.22 -22.33 8.13
C GLY A 105 17.67 -23.48 8.96
N SER A 106 18.56 -24.38 9.38
CA SER A 106 18.20 -25.54 10.20
C SER A 106 17.77 -25.18 11.63
N SER A 107 18.04 -23.96 12.09
CA SER A 107 17.59 -23.48 13.40
C SER A 107 16.20 -22.79 13.38
N VAL A 108 15.60 -22.62 12.19
CA VAL A 108 14.36 -21.86 12.05
C VAL A 108 13.17 -22.71 12.50
N LYS A 109 12.47 -22.26 13.53
CA LYS A 109 11.25 -22.92 14.02
C LYS A 109 10.13 -21.88 14.17
N ALA A 110 8.91 -22.28 13.81
CA ALA A 110 7.72 -21.44 14.00
C ALA A 110 6.96 -21.90 15.24
N ASN A 111 6.96 -21.06 16.27
CA ASN A 111 6.29 -21.34 17.55
C ASN A 111 4.84 -20.84 17.54
N TRP A 112 3.93 -21.74 17.20
CA TRP A 112 2.48 -21.49 17.18
C TRP A 112 1.94 -21.03 18.53
N LYS A 113 2.38 -21.67 19.61
CA LYS A 113 1.93 -21.32 20.97
C LYS A 113 2.22 -19.85 21.31
N LYS A 114 3.39 -19.38 20.88
CA LYS A 114 3.78 -17.98 21.05
C LYS A 114 2.90 -17.03 20.25
N LEU A 115 2.60 -17.40 19.00
CA LEU A 115 1.70 -16.63 18.14
C LEU A 115 0.34 -16.48 18.79
N ILE A 116 -0.23 -17.61 19.20
CA ILE A 116 -1.56 -17.64 19.78
C ILE A 116 -1.61 -16.83 21.09
N ALA A 117 -0.59 -16.99 21.93
CA ALA A 117 -0.49 -16.20 23.18
C ALA A 117 -0.43 -14.70 22.91
N ALA A 118 0.39 -14.29 21.95
CA ALA A 118 0.50 -12.87 21.59
C ALA A 118 -0.83 -12.36 21.03
N LYS A 119 -1.42 -13.10 20.10
CA LYS A 119 -2.76 -12.77 19.56
C LYS A 119 -3.78 -12.62 20.69
N ASN A 120 -3.79 -13.56 21.63
CA ASN A 120 -4.77 -13.53 22.73
C ASN A 120 -4.65 -12.27 23.60
N GLU A 121 -3.42 -11.86 23.87
CA GLU A 121 -3.14 -10.65 24.67
CA GLU A 121 -3.20 -10.66 24.68
C GLU A 121 -3.63 -9.40 23.93
N ALA A 122 -3.42 -9.37 22.62
CA ALA A 122 -3.84 -8.24 21.78
C ALA A 122 -5.36 -8.12 21.76
N VAL A 123 -6.05 -9.24 21.55
CA VAL A 123 -7.51 -9.26 21.53
C VAL A 123 -8.09 -8.90 22.90
N LEU A 124 -7.48 -9.43 23.97
CA LEU A 124 -7.91 -9.15 25.35
C LEU A 124 -7.81 -7.66 25.68
N ASP A 125 -6.72 -7.02 25.23
CA ASP A 125 -6.58 -5.56 25.37
C ASP A 125 -7.72 -4.80 24.70
N ILE A 126 -8.15 -5.28 23.53
CA ILE A 126 -9.29 -4.65 22.83
C ILE A 126 -10.58 -4.88 23.62
N ASN A 127 -10.82 -6.11 24.06
CA ASN A 127 -11.97 -6.42 24.94
C ASN A 127 -12.02 -5.45 26.11
N LYS A 128 -10.88 -5.31 26.79
CA LYS A 128 -10.75 -4.42 27.96
C LYS A 128 -10.99 -2.94 27.65
N SER A 129 -10.52 -2.49 26.48
N SER A 129 -10.53 -2.48 26.48
CA SER A 129 -10.75 -1.11 26.04
CA SER A 129 -10.75 -1.11 26.05
C SER A 129 -12.23 -0.81 25.79
C SER A 129 -12.24 -0.81 25.80
N TYR A 130 -12.96 -1.79 25.26
CA TYR A 130 -14.43 -1.68 25.09
C TYR A 130 -15.17 -1.65 26.43
N GLU A 131 -14.69 -2.43 27.40
CA GLU A 131 -15.22 -2.33 28.79
C GLU A 131 -15.06 -0.91 29.35
N GLY A 132 -13.93 -0.27 29.07
CA GLY A 132 -13.67 1.11 29.48
C GLY A 132 -14.55 2.15 28.78
N MET A 133 -14.90 1.91 27.52
CA MET A 133 -15.80 2.78 26.76
C MET A 133 -17.18 2.88 27.43
N PHE A 134 -17.75 1.74 27.81
CA PHE A 134 -19.04 1.68 28.49
C PHE A 134 -18.99 2.36 29.87
N ASN A 135 -17.94 2.09 30.64
CA ASN A 135 -17.75 2.71 31.96
C ASN A 135 -17.70 4.25 31.90
N ASP A 136 -17.00 4.78 30.91
CA ASP A 136 -16.74 6.23 30.81
C ASP A 136 -17.77 7.03 30.02
N THR A 137 -18.72 6.36 29.35
CA THR A 137 -19.71 7.04 28.49
C THR A 137 -21.11 7.00 29.11
N GLU A 138 -21.66 8.18 29.40
CA GLU A 138 -22.99 8.28 30.00
C GLU A 138 -24.08 7.94 28.97
N GLY A 139 -25.11 7.22 29.43
CA GLY A 139 -26.19 6.77 28.56
C GLY A 139 -25.84 5.65 27.60
N LEU A 140 -24.72 4.96 27.85
CA LEU A 140 -24.30 3.81 27.05
C LEU A 140 -23.93 2.69 28.01
N ASP A 141 -24.85 1.74 28.17
CA ASP A 141 -24.73 0.69 29.18
C ASP A 141 -24.62 -0.70 28.55
N PHE A 142 -23.74 -1.52 29.11
CA PHE A 142 -23.54 -2.90 28.65
C PHE A 142 -24.29 -3.85 29.56
N PHE A 143 -24.90 -4.88 28.97
CA PHE A 143 -25.58 -5.93 29.71
C PHE A 143 -25.09 -7.29 29.23
N LEU A 144 -24.57 -8.08 30.16
CA LEU A 144 -24.06 -9.40 29.85
C LEU A 144 -25.21 -10.40 29.75
N GLY A 145 -25.23 -11.18 28.68
CA GLY A 145 -26.22 -12.25 28.53
C GLY A 145 -26.67 -12.46 27.10
N TRP A 146 -27.72 -13.25 26.95
CA TRP A 146 -28.29 -13.57 25.65
C TRP A 146 -29.59 -12.81 25.44
N GLY A 147 -29.59 -11.95 24.43
CA GLY A 147 -30.75 -11.13 24.07
C GLY A 147 -31.71 -11.89 23.19
N SER A 148 -33.00 -11.70 23.45
CA SER A 148 -34.05 -12.18 22.55
C SER A 148 -35.28 -11.27 22.64
N LEU A 149 -36.16 -11.39 21.65
CA LEU A 149 -37.35 -10.55 21.57
C LEU A 149 -38.51 -11.21 22.32
N GLU A 150 -38.95 -10.56 23.38
CA GLU A 150 -40.15 -10.98 24.10
C GLU A 150 -41.38 -10.36 23.43
N SER A 151 -41.32 -9.06 23.16
CA SER A 151 -42.37 -8.36 22.43
C SER A 151 -41.76 -7.20 21.64
N LYS A 152 -42.61 -6.46 20.92
CA LYS A 152 -42.19 -5.32 20.09
C LYS A 152 -41.31 -4.28 20.80
N ASN A 153 -41.56 -4.07 22.10
CA ASN A 153 -40.82 -3.09 22.91
C ASN A 153 -40.09 -3.68 24.12
N VAL A 154 -39.88 -5.00 24.15
CA VAL A 154 -39.17 -5.66 25.24
C VAL A 154 -38.12 -6.64 24.72
N VAL A 155 -36.86 -6.39 25.07
CA VAL A 155 -35.77 -7.35 24.88
C VAL A 155 -35.50 -8.03 26.21
N VAL A 156 -35.56 -9.36 26.23
CA VAL A 156 -35.24 -10.12 27.44
C VAL A 156 -33.79 -10.61 27.35
N VAL A 157 -33.05 -10.43 28.44
CA VAL A 157 -31.66 -10.88 28.58
C VAL A 157 -31.66 -12.05 29.54
N ARG A 158 -31.30 -13.23 29.04
CA ARG A 158 -31.22 -14.45 29.83
C ARG A 158 -29.77 -14.91 30.00
N GLU A 159 -29.57 -15.82 30.95
CA GLU A 159 -28.24 -16.33 31.28
C GLU A 159 -27.59 -17.11 30.15
N THR A 160 -28.38 -17.92 29.44
CA THR A 160 -27.88 -18.70 28.30
C THR A 160 -28.76 -18.55 27.06
N ALA A 161 -28.32 -19.17 25.97
CA ALA A 161 -29.07 -19.25 24.72
C ALA A 161 -30.38 -20.03 24.83
N ASP A 162 -30.47 -20.92 25.82
CA ASP A 162 -31.71 -21.65 26.12
C ASP A 162 -32.78 -20.65 26.58
N PRO A 163 -33.91 -20.54 25.85
CA PRO A 163 -34.98 -19.62 26.29
C PRO A 163 -35.61 -19.93 27.65
N LYS A 164 -35.40 -21.15 28.17
CA LYS A 164 -35.84 -21.52 29.52
C LYS A 164 -34.86 -21.11 30.63
N SER A 165 -33.68 -20.59 30.28
CA SER A 165 -32.71 -20.15 31.29
C SER A 165 -33.18 -18.88 31.99
N ALA A 166 -32.53 -18.57 33.11
CA ALA A 166 -32.98 -17.50 34.02
C ALA A 166 -32.88 -16.11 33.42
N VAL A 167 -33.89 -15.29 33.68
CA VAL A 167 -33.91 -13.89 33.23
C VAL A 167 -32.97 -13.06 34.11
N LYS A 168 -32.10 -12.29 33.47
CA LYS A 168 -31.21 -11.35 34.16
C LYS A 168 -31.89 -9.99 34.27
N GLU A 169 -32.43 -9.52 33.15
CA GLU A 169 -33.34 -8.38 33.16
C GLU A 169 -34.16 -8.36 31.86
N ARG A 170 -35.18 -7.51 31.87
CA ARG A 170 -35.95 -7.19 30.68
C ARG A 170 -35.65 -5.74 30.38
N LEU A 171 -35.33 -5.46 29.12
CA LEU A 171 -34.97 -4.12 28.69
C LEU A 171 -36.14 -3.56 27.91
N GLN A 172 -36.72 -2.48 28.43
CA GLN A 172 -37.77 -1.74 27.73
C GLN A 172 -37.10 -0.91 26.65
N ALA A 173 -37.55 -1.07 25.42
CA ALA A 173 -36.88 -0.55 24.23
C ALA A 173 -37.84 0.22 23.33
N ASP A 174 -37.58 1.52 23.15
CA ASP A 174 -38.29 2.30 22.14
C ASP A 174 -37.91 1.81 20.74
N HIS A 175 -36.63 1.47 20.56
CA HIS A 175 -36.12 0.91 19.31
C HIS A 175 -35.20 -0.28 19.62
N ILE A 176 -35.24 -1.28 18.74
CA ILE A 176 -34.44 -2.49 18.89
C ILE A 176 -33.59 -2.68 17.65
N LEU A 177 -32.28 -2.87 17.84
CA LEU A 177 -31.36 -3.16 16.75
C LEU A 177 -30.85 -4.59 16.87
N LEU A 178 -31.11 -5.38 15.82
CA LEU A 178 -30.60 -6.74 15.71
C LEU A 178 -29.24 -6.69 15.00
N ALA A 179 -28.19 -7.07 15.72
CA ALA A 179 -26.82 -6.98 15.19
C ALA A 179 -25.97 -8.13 15.72
N THR A 180 -26.50 -9.35 15.60
CA THR A 180 -25.92 -10.56 16.18
C THR A 180 -24.97 -11.29 15.24
N GLY A 181 -24.77 -10.77 14.03
CA GLY A 181 -23.73 -11.26 13.15
C GLY A 181 -24.08 -12.58 12.49
N SER A 182 -23.04 -13.37 12.22
CA SER A 182 -23.17 -14.66 11.55
C SER A 182 -22.42 -15.73 12.32
N TRP A 183 -22.47 -16.96 11.80
CA TRP A 183 -21.88 -18.12 12.48
C TRP A 183 -21.43 -19.13 11.43
N PRO A 184 -20.37 -19.93 11.71
CA PRO A 184 -19.89 -20.83 10.66
C PRO A 184 -20.93 -21.89 10.26
N GLN A 185 -21.07 -22.10 8.95
CA GLN A 185 -21.93 -23.16 8.41
C GLN A 185 -21.17 -24.49 8.46
N MET A 186 -21.80 -25.53 9.00
CA MET A 186 -21.22 -26.87 9.04
C MET A 186 -22.10 -27.82 8.22
N PRO A 187 -21.50 -28.55 7.25
CA PRO A 187 -22.32 -29.47 6.45
C PRO A 187 -22.78 -30.68 7.25
N ALA A 188 -23.93 -31.22 6.90
CA ALA A 188 -24.50 -32.40 7.58
C ALA A 188 -23.94 -33.66 6.94
N ILE A 189 -22.72 -34.01 7.33
CA ILE A 189 -22.05 -35.22 6.86
C ILE A 189 -21.66 -36.07 8.07
N PRO A 190 -21.54 -37.41 7.89
CA PRO A 190 -21.07 -38.24 9.00
C PRO A 190 -19.66 -37.85 9.44
N GLY A 191 -19.47 -37.74 10.74
CA GLY A 191 -18.20 -37.36 11.32
C GLY A 191 -17.93 -35.86 11.30
N ILE A 192 -18.97 -35.05 11.12
CA ILE A 192 -18.85 -33.59 11.23
C ILE A 192 -18.29 -33.16 12.60
N GLU A 193 -18.65 -33.90 13.65
CA GLU A 193 -18.14 -33.66 15.01
C GLU A 193 -16.61 -33.76 15.14
N HIS A 194 -15.94 -34.43 14.19
CA HIS A 194 -14.48 -34.47 14.14
C HIS A 194 -13.81 -33.25 13.46
N CYS A 195 -14.62 -32.34 12.92
CA CYS A 195 -14.14 -31.15 12.21
C CYS A 195 -14.26 -29.92 13.08
N ILE A 196 -13.54 -28.87 12.69
CA ILE A 196 -13.63 -27.56 13.34
C ILE A 196 -14.06 -26.48 12.34
N SER A 197 -14.29 -25.27 12.86
CA SER A 197 -14.48 -24.07 12.04
C SER A 197 -13.34 -23.10 12.35
N SER A 198 -13.38 -21.94 11.71
CA SER A 198 -12.44 -20.85 12.01
C SER A 198 -12.39 -20.50 13.50
N ASN A 199 -13.54 -20.54 14.18
CA ASN A 199 -13.62 -20.27 15.62
C ASN A 199 -12.59 -21.05 16.44
N GLU A 200 -12.52 -22.36 16.20
CA GLU A 200 -11.63 -23.26 16.96
C GLU A 200 -10.20 -23.16 16.45
N ALA A 201 -10.02 -22.88 15.16
CA ALA A 201 -8.69 -22.68 14.58
C ALA A 201 -7.88 -21.63 15.32
N PHE A 202 -8.55 -20.59 15.81
CA PHE A 202 -7.92 -19.54 16.60
C PHE A 202 -7.35 -19.97 17.96
N TYR A 203 -7.75 -21.15 18.46
CA TYR A 203 -7.35 -21.64 19.79
C TYR A 203 -6.70 -23.02 19.80
N LEU A 204 -6.27 -23.51 18.63
CA LEU A 204 -5.60 -24.80 18.57
C LEU A 204 -4.35 -24.76 19.45
N PRO A 205 -4.17 -25.76 20.33
CA PRO A 205 -3.00 -25.77 21.22
C PRO A 205 -1.68 -25.98 20.47
N GLU A 206 -1.73 -26.69 19.35
CA GLU A 206 -0.55 -26.94 18.54
C GLU A 206 -0.91 -26.78 17.06
N PRO A 207 0.07 -26.43 16.21
CA PRO A 207 -0.20 -26.26 14.79
C PRO A 207 -0.31 -27.63 14.10
N PRO A 208 -1.33 -27.84 13.25
CA PRO A 208 -1.47 -29.15 12.61
C PRO A 208 -0.38 -29.44 11.58
N ARG A 209 0.16 -30.66 11.62
CA ARG A 209 1.11 -31.10 10.58
C ARG A 209 0.41 -31.18 9.24
N ARG A 210 -0.78 -31.78 9.23
CA ARG A 210 -1.60 -31.90 8.03
C ARG A 210 -2.97 -31.31 8.31
N VAL A 211 -3.43 -30.43 7.41
CA VAL A 211 -4.75 -29.80 7.57
C VAL A 211 -5.48 -29.74 6.23
N LEU A 212 -6.78 -30.01 6.27
CA LEU A 212 -7.68 -29.78 5.16
C LEU A 212 -8.55 -28.59 5.48
N THR A 213 -8.47 -27.53 4.67
CA THR A 213 -9.42 -26.42 4.78
C THR A 213 -10.48 -26.65 3.70
N VAL A 214 -11.75 -26.67 4.11
CA VAL A 214 -12.86 -26.97 3.21
C VAL A 214 -13.56 -25.66 2.86
N GLY A 215 -13.53 -25.31 1.58
CA GLY A 215 -14.17 -24.09 1.08
C GLY A 215 -13.26 -23.34 0.12
N GLY A 216 -13.87 -22.60 -0.80
CA GLY A 216 -13.15 -21.78 -1.77
C GLY A 216 -13.08 -20.29 -1.43
N GLY A 217 -13.70 -19.91 -0.31
CA GLY A 217 -13.83 -18.50 0.09
C GLY A 217 -12.59 -17.96 0.80
N PHE A 218 -12.67 -16.69 1.19
CA PHE A 218 -11.52 -15.98 1.75
C PHE A 218 -11.01 -16.57 3.06
N ILE A 219 -11.91 -17.04 3.92
CA ILE A 219 -11.51 -17.60 5.22
C ILE A 219 -10.67 -18.87 5.02
N SER A 220 -11.13 -19.76 4.14
CA SER A 220 -10.40 -20.99 3.81
C SER A 220 -9.00 -20.68 3.22
N VAL A 221 -8.95 -19.76 2.27
CA VAL A 221 -7.70 -19.37 1.61
C VAL A 221 -6.74 -18.71 2.60
N GLU A 222 -7.26 -17.83 3.44
CA GLU A 222 -6.45 -17.14 4.44
C GLU A 222 -5.85 -18.11 5.46
N PHE A 223 -6.68 -19.01 5.98
CA PHE A 223 -6.20 -20.01 6.95
C PHE A 223 -5.24 -21.02 6.34
N ALA A 224 -5.44 -21.38 5.08
CA ALA A 224 -4.50 -22.28 4.39
C ALA A 224 -3.09 -21.68 4.39
N GLY A 225 -3.00 -20.37 4.13
CA GLY A 225 -1.73 -19.65 4.21
C GLY A 225 -1.13 -19.63 5.60
N ILE A 226 -1.97 -19.42 6.62
CA ILE A 226 -1.51 -19.39 8.02
C ILE A 226 -0.96 -20.75 8.43
N PHE A 227 -1.75 -21.81 8.23
CA PHE A 227 -1.33 -23.16 8.54
C PHE A 227 -0.09 -23.59 7.75
N ASN A 228 0.02 -23.14 6.50
CA ASN A 228 1.17 -23.49 5.66
C ASN A 228 2.50 -23.01 6.24
N ALA A 229 2.48 -21.85 6.91
CA ALA A 229 3.68 -21.26 7.49
C ALA A 229 4.06 -21.85 8.84
N TYR A 230 3.06 -22.20 9.64
CA TYR A 230 3.31 -22.69 11.01
C TYR A 230 3.35 -24.20 11.17
N LYS A 231 3.14 -24.95 10.08
CA LYS A 231 3.09 -26.41 10.16
C LYS A 231 4.44 -27.01 10.58
N PRO A 232 4.43 -28.04 11.47
CA PRO A 232 5.68 -28.71 11.81
C PRO A 232 6.26 -29.47 10.62
N PRO A 233 7.50 -30.01 10.75
CA PRO A 233 8.16 -30.67 9.62
C PRO A 233 7.38 -31.86 9.05
N GLY A 234 7.55 -32.10 7.76
CA GLY A 234 6.81 -33.14 7.04
C GLY A 234 5.33 -32.84 6.95
N GLY A 235 4.99 -31.55 6.84
CA GLY A 235 3.61 -31.10 6.88
C GLY A 235 3.05 -30.85 5.50
N LYS A 236 1.73 -30.67 5.44
CA LYS A 236 1.04 -30.41 4.18
C LYS A 236 -0.33 -29.78 4.41
N VAL A 237 -0.58 -28.66 3.72
CA VAL A 237 -1.88 -28.00 3.74
C VAL A 237 -2.59 -28.29 2.42
N THR A 238 -3.83 -28.74 2.53
CA THR A 238 -4.69 -29.03 1.39
C THR A 238 -5.94 -28.17 1.56
N LEU A 239 -6.36 -27.54 0.47
CA LEU A 239 -7.62 -26.82 0.42
C LEU A 239 -8.47 -27.52 -0.60
N CYS A 240 -9.73 -27.77 -0.26
CA CYS A 240 -10.68 -28.33 -1.23
C CYS A 240 -11.85 -27.40 -1.44
N TYR A 241 -12.37 -27.42 -2.66
CA TYR A 241 -13.51 -26.62 -3.04
C TYR A 241 -14.38 -27.40 -4.03
N ARG A 242 -15.69 -27.37 -3.80
CA ARG A 242 -16.63 -28.21 -4.53
C ARG A 242 -16.79 -27.86 -6.02
N ASN A 243 -16.47 -26.63 -6.40
CA ASN A 243 -16.55 -26.21 -7.80
C ASN A 243 -15.16 -26.03 -8.41
N ASN A 244 -15.09 -25.49 -9.63
CA ASN A 244 -13.90 -25.59 -10.47
C ASN A 244 -12.76 -24.64 -10.09
N LEU A 245 -13.10 -23.51 -9.49
CA LEU A 245 -12.13 -22.43 -9.29
C LEU A 245 -12.44 -21.67 -8.00
N ILE A 246 -11.45 -21.59 -7.13
CA ILE A 246 -11.62 -20.93 -5.83
C ILE A 246 -11.96 -19.44 -5.95
N LEU A 247 -12.45 -18.88 -4.85
CA LEU A 247 -12.73 -17.45 -4.73
C LEU A 247 -13.74 -16.91 -5.75
N ARG A 248 -14.89 -17.56 -5.82
N ARG A 248 -14.90 -17.57 -5.81
CA ARG A 248 -16.00 -17.08 -6.62
CA ARG A 248 -16.06 -17.08 -6.57
C ARG A 248 -16.45 -15.68 -6.16
C ARG A 248 -16.40 -15.65 -6.14
N GLY A 249 -16.79 -14.82 -7.12
CA GLY A 249 -17.09 -13.41 -6.88
C GLY A 249 -15.91 -12.46 -7.08
N PHE A 250 -14.68 -12.99 -7.11
CA PHE A 250 -13.49 -12.20 -7.39
C PHE A 250 -13.13 -12.30 -8.86
N ASP A 251 -12.25 -11.40 -9.30
CA ASP A 251 -11.78 -11.35 -10.69
C ASP A 251 -11.19 -12.70 -11.11
N GLU A 252 -11.58 -13.18 -12.29
CA GLU A 252 -11.21 -14.52 -12.76
C GLU A 252 -9.71 -14.71 -12.96
N THR A 253 -9.03 -13.70 -13.52
CA THR A 253 -7.57 -13.76 -13.66
C THR A 253 -6.91 -13.90 -12.28
N ILE A 254 -7.40 -13.13 -11.30
CA ILE A 254 -6.87 -13.19 -9.93
C ILE A 254 -7.15 -14.55 -9.28
N ARG A 255 -8.33 -15.10 -9.51
CA ARG A 255 -8.68 -16.43 -8.98
C ARG A 255 -7.70 -17.49 -9.49
N GLU A 256 -7.45 -17.46 -10.80
CA GLU A 256 -6.52 -18.39 -11.44
CA GLU A 256 -6.51 -18.40 -11.43
C GLU A 256 -5.09 -18.16 -10.95
N GLU A 257 -4.71 -16.88 -10.83
CA GLU A 257 -3.35 -16.51 -10.45
C GLU A 257 -3.06 -16.81 -8.98
N VAL A 258 -4.01 -16.54 -8.08
CA VAL A 258 -3.88 -16.89 -6.65
CA VAL A 258 -3.80 -16.87 -6.67
C VAL A 258 -3.71 -18.39 -6.47
N THR A 259 -4.48 -19.17 -7.25
CA THR A 259 -4.39 -20.65 -7.21
C THR A 259 -2.95 -21.13 -7.51
N LYS A 260 -2.35 -20.58 -8.56
CA LYS A 260 -0.97 -20.90 -8.93
C LYS A 260 0.04 -20.50 -7.85
N GLN A 261 -0.16 -19.33 -7.24
CA GLN A 261 0.78 -18.81 -6.24
C GLN A 261 0.66 -19.51 -4.89
N LEU A 262 -0.56 -19.91 -4.52
CA LEU A 262 -0.76 -20.80 -3.37
C LEU A 262 -0.09 -22.16 -3.61
N THR A 263 -0.30 -22.73 -4.79
CA THR A 263 0.35 -23.98 -5.20
C THR A 263 1.87 -23.90 -5.17
N ALA A 264 2.43 -22.79 -5.67
CA ALA A 264 3.89 -22.58 -5.64
C ALA A 264 4.47 -22.53 -4.23
N ASN A 265 3.67 -22.14 -3.25
CA ASN A 265 4.12 -22.09 -1.86
C ASN A 265 3.82 -23.37 -1.07
N GLY A 266 3.45 -24.45 -1.77
CA GLY A 266 3.31 -25.78 -1.17
C GLY A 266 1.91 -26.21 -0.77
N ILE A 267 0.89 -25.40 -1.09
CA ILE A 267 -0.50 -25.72 -0.75
C ILE A 267 -1.12 -26.52 -1.90
N GLU A 268 -1.73 -27.66 -1.57
CA GLU A 268 -2.43 -28.53 -2.52
CA GLU A 268 -2.42 -28.50 -2.54
C GLU A 268 -3.86 -28.02 -2.68
N ILE A 269 -4.28 -27.69 -3.90
CA ILE A 269 -5.62 -27.19 -4.18
C ILE A 269 -6.44 -28.27 -4.89
N MET A 270 -7.42 -28.85 -4.19
CA MET A 270 -8.33 -29.85 -4.76
C MET A 270 -9.65 -29.18 -5.16
N THR A 271 -9.81 -28.85 -6.44
CA THR A 271 -11.08 -28.33 -6.94
C THR A 271 -11.98 -29.46 -7.44
N ASN A 272 -13.28 -29.18 -7.51
CA ASN A 272 -14.32 -30.16 -7.84
C ASN A 272 -14.32 -31.35 -6.88
N GLU A 273 -14.03 -31.06 -5.60
CA GLU A 273 -13.94 -32.08 -4.56
C GLU A 273 -14.70 -31.60 -3.32
N ASN A 274 -15.37 -32.53 -2.66
CA ASN A 274 -16.17 -32.21 -1.49
C ASN A 274 -16.21 -33.40 -0.54
N PRO A 275 -15.95 -33.18 0.76
CA PRO A 275 -16.01 -34.31 1.70
C PRO A 275 -17.39 -34.97 1.79
N ALA A 276 -17.39 -36.31 1.77
CA ALA A 276 -18.57 -37.13 2.01
C ALA A 276 -18.67 -37.55 3.47
N LYS A 277 -17.53 -37.86 4.09
CA LYS A 277 -17.50 -38.27 5.50
C LYS A 277 -16.13 -38.08 6.10
N VAL A 278 -16.09 -38.02 7.44
CA VAL A 278 -14.84 -37.97 8.19
C VAL A 278 -14.90 -39.03 9.30
N SER A 279 -13.84 -39.81 9.46
CA SER A 279 -13.72 -40.78 10.54
C SER A 279 -12.36 -40.62 11.22
N LEU A 280 -12.22 -41.19 12.40
CA LEU A 280 -10.95 -41.16 13.14
C LEU A 280 -10.12 -42.39 12.82
N ASN A 281 -8.85 -42.18 12.46
CA ASN A 281 -7.85 -43.25 12.41
C ASN A 281 -7.51 -43.66 13.85
N THR A 282 -6.88 -44.82 14.01
CA THR A 282 -6.57 -45.34 15.35
C THR A 282 -5.58 -44.43 16.12
N ASP A 283 -4.72 -43.70 15.40
CA ASP A 283 -3.82 -42.72 16.02
C ASP A 283 -4.45 -41.35 16.37
N GLY A 284 -5.76 -41.19 16.16
CA GLY A 284 -6.45 -39.93 16.45
C GLY A 284 -6.57 -38.95 15.30
N SER A 285 -5.86 -39.19 14.20
CA SER A 285 -5.95 -38.33 13.02
C SER A 285 -7.25 -38.59 12.26
N LYS A 286 -7.57 -37.71 11.33
CA LYS A 286 -8.86 -37.73 10.62
C LYS A 286 -8.68 -38.29 9.22
N HIS A 287 -9.58 -39.20 8.86
CA HIS A 287 -9.60 -39.80 7.52
C HIS A 287 -10.80 -39.23 6.77
N VAL A 288 -10.52 -38.41 5.75
CA VAL A 288 -11.58 -37.77 4.96
C VAL A 288 -11.79 -38.58 3.69
N THR A 289 -13.04 -38.95 3.43
CA THR A 289 -13.43 -39.56 2.16
C THR A 289 -14.25 -38.51 1.42
N PHE A 290 -13.91 -38.30 0.16
CA PHE A 290 -14.59 -37.32 -0.69
C PHE A 290 -15.66 -38.01 -1.51
N GLU A 291 -16.64 -37.23 -1.99
CA GLU A 291 -17.71 -37.73 -2.87
C GLU A 291 -17.18 -38.48 -4.10
N SER A 292 -16.04 -38.02 -4.64
CA SER A 292 -15.42 -38.64 -5.81
C SER A 292 -14.76 -40.00 -5.54
N GLY A 293 -14.54 -40.33 -4.27
CA GLY A 293 -13.85 -41.56 -3.89
C GLY A 293 -12.43 -41.33 -3.39
N LYS A 294 -11.92 -40.12 -3.59
CA LYS A 294 -10.60 -39.75 -3.07
C LYS A 294 -10.59 -39.74 -1.56
N THR A 295 -9.39 -39.89 -1.00
CA THR A 295 -9.20 -39.87 0.44
C THR A 295 -8.03 -38.99 0.83
N LEU A 296 -8.00 -38.61 2.11
CA LEU A 296 -6.93 -37.80 2.65
C LEU A 296 -6.90 -37.96 4.15
N ASP A 297 -5.70 -38.20 4.70
CA ASP A 297 -5.50 -38.25 6.14
C ASP A 297 -4.90 -36.93 6.60
N VAL A 298 -5.56 -36.29 7.57
CA VAL A 298 -5.09 -35.02 8.13
C VAL A 298 -5.29 -34.98 9.64
N ASP A 299 -4.62 -34.03 10.28
CA ASP A 299 -4.72 -33.83 11.72
C ASP A 299 -5.89 -32.90 12.09
N VAL A 300 -6.18 -31.93 11.23
CA VAL A 300 -7.30 -31.00 11.41
C VAL A 300 -8.10 -30.89 10.11
N VAL A 301 -9.43 -30.92 10.23
CA VAL A 301 -10.33 -30.59 9.11
C VAL A 301 -11.03 -29.31 9.53
N MET A 302 -10.74 -28.21 8.84
CA MET A 302 -11.38 -26.92 9.11
C MET A 302 -12.42 -26.59 8.05
N MET A 303 -13.67 -26.54 8.47
CA MET A 303 -14.79 -26.20 7.60
C MET A 303 -14.92 -24.69 7.47
N ALA A 304 -14.85 -24.19 6.24
CA ALA A 304 -15.05 -22.78 5.95
C ALA A 304 -15.86 -22.62 4.67
N ILE A 305 -17.02 -23.28 4.64
CA ILE A 305 -17.88 -23.33 3.44
C ILE A 305 -18.89 -22.20 3.38
N GLY A 306 -19.03 -21.43 4.46
CA GLY A 306 -19.94 -20.30 4.48
C GLY A 306 -20.21 -19.83 5.89
N ARG A 307 -20.86 -18.69 5.98
CA ARG A 307 -21.35 -18.17 7.24
C ARG A 307 -22.82 -17.82 7.11
N ILE A 308 -23.59 -18.19 8.12
CA ILE A 308 -25.04 -18.03 8.08
C ILE A 308 -25.48 -17.03 9.15
N PRO A 309 -26.49 -16.20 8.83
CA PRO A 309 -27.01 -15.21 9.78
C PRO A 309 -27.38 -15.84 11.12
N ARG A 310 -27.06 -15.15 12.20
CA ARG A 310 -27.26 -15.70 13.53
C ARG A 310 -28.60 -15.24 14.10
N THR A 311 -29.65 -15.97 13.70
CA THR A 311 -31.03 -15.65 14.05
C THR A 311 -31.72 -16.62 15.03
N ASN A 312 -31.19 -17.85 15.18
CA ASN A 312 -31.88 -18.92 15.94
C ASN A 312 -32.15 -18.63 17.41
N ASP A 313 -31.39 -17.76 18.06
CA ASP A 313 -31.56 -17.52 19.51
C ASP A 313 -32.37 -16.26 19.83
N LEU A 314 -32.75 -15.49 18.80
CA LEU A 314 -33.44 -14.21 19.01
C LEU A 314 -34.95 -14.32 19.27
N GLN A 315 -35.53 -15.50 19.06
CA GLN A 315 -36.97 -15.73 19.23
C GLN A 315 -37.77 -14.72 18.40
N LEU A 316 -37.40 -14.60 17.12
CA LEU A 316 -38.01 -13.63 16.21
C LEU A 316 -39.50 -13.93 15.93
N GLY A 317 -39.89 -15.21 16.05
CA GLY A 317 -41.29 -15.62 15.98
C GLY A 317 -42.21 -14.97 17.01
N ASN A 318 -41.67 -14.60 18.17
CA ASN A 318 -42.45 -13.86 19.18
C ASN A 318 -43.03 -12.54 18.67
N VAL A 319 -42.33 -11.89 17.75
CA VAL A 319 -42.78 -10.62 17.17
C VAL A 319 -43.06 -10.68 15.66
N GLY A 320 -42.73 -11.80 15.00
CA GLY A 320 -42.96 -11.95 13.57
C GLY A 320 -42.05 -11.13 12.66
N VAL A 321 -40.78 -10.98 13.04
CA VAL A 321 -39.78 -10.33 12.16
C VAL A 321 -39.51 -11.30 11.01
N LYS A 322 -39.65 -10.81 9.78
CA LYS A 322 -39.55 -11.65 8.58
C LYS A 322 -38.10 -11.97 8.25
N LEU A 323 -37.85 -13.22 7.90
CA LEU A 323 -36.57 -13.66 7.33
C LEU A 323 -36.68 -13.82 5.81
N THR A 324 -35.54 -13.70 5.13
CA THR A 324 -35.45 -14.00 3.69
C THR A 324 -35.43 -15.52 3.50
N PRO A 325 -35.66 -16.00 2.26
CA PRO A 325 -35.49 -17.43 1.95
C PRO A 325 -34.17 -18.03 2.44
N LYS A 326 -33.06 -17.30 2.27
CA LYS A 326 -31.73 -17.76 2.70
C LYS A 326 -31.46 -17.67 4.22
N GLY A 327 -32.35 -17.04 4.99
CA GLY A 327 -32.25 -17.01 6.45
C GLY A 327 -31.83 -15.68 7.08
N GLY A 328 -31.48 -14.69 6.26
CA GLY A 328 -31.16 -13.35 6.78
C GLY A 328 -32.40 -12.64 7.27
N VAL A 329 -32.25 -11.69 8.20
CA VAL A 329 -33.35 -10.81 8.56
C VAL A 329 -33.63 -9.92 7.33
N GLN A 330 -34.87 -9.92 6.87
CA GLN A 330 -35.24 -9.13 5.70
C GLN A 330 -35.24 -7.65 6.07
N VAL A 331 -34.53 -6.84 5.29
CA VAL A 331 -34.47 -5.40 5.48
C VAL A 331 -34.64 -4.66 4.17
N ASP A 332 -35.09 -3.42 4.26
CA ASP A 332 -35.06 -2.51 3.12
C ASP A 332 -33.68 -1.83 3.11
N GLU A 333 -33.49 -0.89 2.17
CA GLU A 333 -32.22 -0.16 2.03
CA GLU A 333 -32.19 -0.21 2.05
C GLU A 333 -31.83 0.66 3.27
N PHE A 334 -32.80 0.97 4.14
CA PHE A 334 -32.56 1.71 5.37
C PHE A 334 -32.53 0.81 6.63
N SER A 335 -32.34 -0.49 6.45
CA SER A 335 -32.18 -1.45 7.56
C SER A 335 -33.45 -1.69 8.40
N ARG A 336 -34.62 -1.37 7.85
CA ARG A 336 -35.90 -1.56 8.54
C ARG A 336 -36.42 -2.96 8.30
N THR A 337 -36.90 -3.62 9.35
CA THR A 337 -37.62 -4.88 9.25
C THR A 337 -39.09 -4.57 8.94
N ASN A 338 -39.92 -5.62 8.89
CA ASN A 338 -41.38 -5.46 8.78
C ASN A 338 -42.05 -4.93 10.05
N VAL A 339 -41.34 -4.95 11.19
CA VAL A 339 -41.86 -4.41 12.45
C VAL A 339 -41.25 -3.01 12.66
N PRO A 340 -42.09 -1.95 12.79
N PRO A 340 -42.10 -1.96 12.78
CA PRO A 340 -41.66 -0.53 12.72
CA PRO A 340 -41.60 -0.61 13.10
C PRO A 340 -40.42 -0.06 13.49
C PRO A 340 -40.78 -0.57 14.37
N ASN A 341 -40.30 -0.45 14.75
N ASN A 341 -39.67 0.16 14.32
CA ASN A 341 -39.19 0.02 15.60
CA ASN A 341 -38.78 0.28 15.46
C ASN A 341 -38.01 -0.97 15.72
C ASN A 341 -37.95 -0.97 15.75
N ILE A 342 -37.99 -1.98 14.87
CA ILE A 342 -37.01 -3.08 14.93
C ILE A 342 -36.21 -3.02 13.63
N TYR A 343 -34.89 -2.94 13.77
CA TYR A 343 -33.96 -2.80 12.65
C TYR A 343 -32.93 -3.91 12.70
N ALA A 344 -32.26 -4.14 11.59
CA ALA A 344 -31.21 -5.15 11.48
C ALA A 344 -30.07 -4.64 10.59
N ILE A 345 -28.84 -4.79 11.08
CA ILE A 345 -27.62 -4.43 10.32
C ILE A 345 -26.57 -5.53 10.41
N GLY A 346 -25.57 -5.43 9.54
CA GLY A 346 -24.42 -6.30 9.58
C GLY A 346 -24.68 -7.67 8.97
N ASP A 347 -23.92 -8.66 9.42
CA ASP A 347 -23.99 -10.02 8.84
C ASP A 347 -25.36 -10.70 9.00
N ILE A 348 -26.14 -10.30 10.01
CA ILE A 348 -27.48 -10.87 10.20
C ILE A 348 -28.38 -10.64 8.96
N THR A 349 -28.09 -9.59 8.19
CA THR A 349 -28.84 -9.31 6.96
C THR A 349 -28.37 -10.11 5.72
N ASP A 350 -27.29 -10.88 5.85
CA ASP A 350 -26.88 -11.87 4.83
C ASP A 350 -26.59 -11.24 3.46
N ARG A 351 -25.85 -10.14 3.47
CA ARG A 351 -25.48 -9.47 2.23
C ARG A 351 -23.94 -9.40 2.14
N LEU A 352 -23.32 -8.24 2.32
CA LEU A 352 -21.85 -8.13 2.32
C LEU A 352 -21.35 -8.29 3.75
N MET A 353 -20.71 -9.41 4.03
CA MET A 353 -20.28 -9.71 5.39
C MET A 353 -18.89 -9.12 5.63
N LEU A 354 -18.88 -7.81 5.85
CA LEU A 354 -17.66 -7.03 6.07
C LEU A 354 -17.87 -6.08 7.24
N THR A 355 -16.83 -5.91 8.05
CA THR A 355 -16.90 -5.05 9.23
C THR A 355 -17.21 -3.58 8.89
N PRO A 356 -16.51 -2.98 7.92
CA PRO A 356 -16.78 -1.57 7.60
C PRO A 356 -18.17 -1.32 7.01
N VAL A 357 -18.76 -2.33 6.37
CA VAL A 357 -20.14 -2.24 5.89
C VAL A 357 -21.10 -2.22 7.08
N ALA A 358 -20.90 -3.13 8.03
CA ALA A 358 -21.72 -3.15 9.26
C ALA A 358 -21.64 -1.82 10.01
N ILE A 359 -20.44 -1.27 10.10
CA ILE A 359 -20.18 0.03 10.73
C ILE A 359 -20.96 1.15 10.01
N ASN A 360 -20.88 1.16 8.68
CA ASN A 360 -21.55 2.17 7.86
C ASN A 360 -23.09 2.06 7.99
N GLU A 361 -23.60 0.82 7.98
CA GLU A 361 -25.04 0.55 8.19
C GLU A 361 -25.53 1.04 9.57
N GLY A 362 -24.73 0.79 10.60
CA GLY A 362 -25.03 1.25 11.96
C GLY A 362 -25.09 2.75 12.08
N ALA A 363 -24.09 3.44 11.51
CA ALA A 363 -24.04 4.90 11.50
C ALA A 363 -25.21 5.49 10.73
N ALA A 364 -25.47 4.96 9.53
CA ALA A 364 -26.59 5.40 8.69
C ALA A 364 -27.94 5.20 9.38
N LEU A 365 -28.10 4.06 10.05
CA LEU A 365 -29.32 3.77 10.81
C LEU A 365 -29.60 4.81 11.89
N VAL A 366 -28.56 5.12 12.68
CA VAL A 366 -28.69 6.07 13.79
C VAL A 366 -28.99 7.48 13.29
N ASP A 367 -28.37 7.89 12.19
CA ASP A 367 -28.69 9.17 11.54
C ASP A 367 -30.16 9.22 11.10
N THR A 368 -30.64 8.11 10.53
CA THR A 368 -32.03 8.00 10.08
C THR A 368 -33.02 8.07 11.25
N VAL A 369 -32.78 7.25 12.28
CA VAL A 369 -33.71 7.10 13.41
C VAL A 369 -33.65 8.29 14.38
N PHE A 370 -32.45 8.71 14.78
CA PHE A 370 -32.30 9.73 15.82
C PHE A 370 -31.91 11.13 15.31
N GLY A 371 -31.36 11.21 14.12
CA GLY A 371 -31.12 12.49 13.44
C GLY A 371 -32.23 12.92 12.49
N ASN A 372 -33.23 12.06 12.27
CA ASN A 372 -34.34 12.31 11.33
C ASN A 372 -33.93 12.76 9.90
N LYS A 373 -32.73 12.37 9.48
CA LYS A 373 -32.21 12.65 8.13
C LYS A 373 -31.89 11.29 7.54
N PRO A 374 -32.85 10.69 6.81
CA PRO A 374 -32.64 9.35 6.28
C PRO A 374 -31.35 9.21 5.47
N ARG A 375 -30.57 8.19 5.80
CA ARG A 375 -29.32 7.86 5.13
C ARG A 375 -29.27 6.35 4.94
N LYS A 376 -28.76 5.92 3.80
CA LYS A 376 -28.62 4.50 3.48
C LYS A 376 -27.20 4.20 3.04
N THR A 377 -26.75 2.99 3.36
CA THR A 377 -25.43 2.52 3.00
C THR A 377 -25.40 2.16 1.51
N ASP A 378 -24.36 2.61 0.83
CA ASP A 378 -24.11 2.24 -0.56
C ASP A 378 -23.32 0.94 -0.54
N HIS A 379 -23.94 -0.14 -1.00
CA HIS A 379 -23.30 -1.46 -1.06
C HIS A 379 -22.58 -1.71 -2.38
N THR A 380 -22.56 -0.72 -3.29
CA THR A 380 -21.77 -0.80 -4.51
C THR A 380 -20.42 -0.14 -4.27
N ARG A 381 -19.42 -0.57 -5.03
CA ARG A 381 -18.08 0.04 -5.02
C ARG A 381 -17.43 0.03 -3.63
N VAL A 382 -17.71 -1.03 -2.87
CA VAL A 382 -17.11 -1.22 -1.56
C VAL A 382 -15.78 -1.88 -1.78
N ALA A 383 -14.72 -1.26 -1.28
CA ALA A 383 -13.38 -1.82 -1.34
C ALA A 383 -13.24 -2.91 -0.28
N SER A 384 -12.57 -4.00 -0.65
CA SER A 384 -12.30 -5.11 0.28
C SER A 384 -10.99 -5.82 -0.09
N ALA A 385 -10.60 -6.74 0.77
CA ALA A 385 -9.32 -7.43 0.65
C ALA A 385 -9.40 -8.88 1.07
N VAL A 386 -8.48 -9.68 0.55
CA VAL A 386 -8.24 -11.04 1.02
C VAL A 386 -6.78 -11.06 1.44
N PHE A 387 -6.52 -11.38 2.71
CA PHE A 387 -5.14 -11.47 3.21
C PHE A 387 -4.56 -12.86 2.98
N SER A 388 -4.69 -13.28 1.72
CA SER A 388 -3.98 -14.42 1.20
C SER A 388 -2.53 -14.01 1.05
N ILE A 389 -1.67 -14.98 0.78
CA ILE A 389 -0.25 -14.73 0.55
C ILE A 389 0.02 -15.24 -0.85
N PRO A 390 0.09 -14.36 -1.86
CA PRO A 390 0.01 -12.89 -1.74
C PRO A 390 -1.43 -12.38 -1.66
N PRO A 391 -1.64 -11.12 -1.21
CA PRO A 391 -3.01 -10.64 -0.93
C PRO A 391 -3.75 -10.05 -2.14
N ILE A 392 -5.06 -9.93 -1.99
CA ILE A 392 -5.97 -9.36 -3.00
C ILE A 392 -6.54 -8.04 -2.49
N GLY A 393 -6.71 -7.08 -3.39
CA GLY A 393 -7.45 -5.85 -3.11
C GLY A 393 -8.38 -5.58 -4.27
N THR A 394 -9.65 -5.31 -3.96
CA THR A 394 -10.68 -5.16 -4.99
C THR A 394 -11.72 -4.13 -4.62
N CYS A 395 -12.29 -3.48 -5.64
CA CYS A 395 -13.38 -2.53 -5.47
C CYS A 395 -14.21 -2.52 -6.75
N GLY A 396 -15.52 -2.73 -6.60
CA GLY A 396 -16.44 -2.63 -7.73
C GLY A 396 -16.59 -3.91 -8.52
N LEU A 397 -17.05 -3.77 -9.77
CA LEU A 397 -17.53 -4.91 -10.55
C LEU A 397 -16.42 -5.73 -11.18
N ILE A 398 -16.61 -7.05 -11.18
CA ILE A 398 -15.82 -7.94 -12.03
C ILE A 398 -16.37 -7.82 -13.46
N GLU A 399 -15.54 -8.14 -14.44
CA GLU A 399 -15.88 -7.90 -15.86
C GLU A 399 -17.10 -8.69 -16.36
N GLU A 400 -17.30 -9.89 -15.83
CA GLU A 400 -18.46 -10.75 -16.16
C GLU A 400 -19.78 -10.06 -15.83
N VAL A 401 -19.83 -9.49 -14.63
CA VAL A 401 -20.99 -8.75 -14.14
C VAL A 401 -21.19 -7.43 -14.91
N ALA A 402 -20.10 -6.72 -15.18
CA ALA A 402 -20.16 -5.49 -15.94
C ALA A 402 -20.63 -5.74 -17.39
N ALA A 403 -20.17 -6.84 -17.98
CA ALA A 403 -20.54 -7.22 -19.35
C ALA A 403 -22.04 -7.47 -19.55
N LYS A 404 -22.74 -7.84 -18.48
CA LYS A 404 -24.20 -8.01 -18.49
C LYS A 404 -24.96 -6.69 -18.33
N GLU A 405 -24.40 -5.75 -17.56
CA GLU A 405 -25.06 -4.46 -17.28
C GLU A 405 -24.73 -3.35 -18.29
N PHE A 406 -23.65 -3.48 -19.05
CA PHE A 406 -23.21 -2.46 -20.00
C PHE A 406 -22.94 -3.08 -21.36
N GLU A 407 -23.28 -2.34 -22.43
CA GLU A 407 -23.12 -2.81 -23.80
C GLU A 407 -21.66 -2.95 -24.21
N LYS A 408 -20.85 -1.94 -23.87
CA LYS A 408 -19.43 -1.93 -24.18
C LYS A 408 -18.60 -1.79 -22.91
N VAL A 409 -17.79 -2.81 -22.62
CA VAL A 409 -16.91 -2.83 -21.46
C VAL A 409 -15.47 -3.03 -21.94
N ALA A 410 -14.56 -2.25 -21.38
CA ALA A 410 -13.13 -2.39 -21.65
C ALA A 410 -12.41 -2.92 -20.41
N VAL A 411 -11.43 -3.79 -20.63
CA VAL A 411 -10.62 -4.35 -19.55
C VAL A 411 -9.17 -3.97 -19.81
N TYR A 412 -8.56 -3.31 -18.84
CA TYR A 412 -7.16 -2.92 -18.89
C TYR A 412 -6.43 -3.84 -17.93
N MET A 413 -5.40 -4.53 -18.42
CA MET A 413 -4.74 -5.57 -17.65
C MET A 413 -3.23 -5.45 -17.75
N SER A 414 -2.57 -5.47 -16.59
CA SER A 414 -1.12 -5.57 -16.49
C SER A 414 -0.76 -6.71 -15.54
N SER A 415 0.17 -7.55 -15.96
CA SER A 415 0.59 -8.70 -15.16
C SER A 415 2.09 -8.91 -15.32
N PHE A 416 2.82 -8.83 -14.21
CA PHE A 416 4.29 -8.86 -14.23
C PHE A 416 4.85 -9.28 -12.88
N THR A 417 5.99 -9.97 -12.90
CA THR A 417 6.75 -10.26 -11.69
C THR A 417 7.53 -8.99 -11.33
N PRO A 418 7.28 -8.39 -10.15
CA PRO A 418 8.11 -7.24 -9.76
C PRO A 418 9.60 -7.60 -9.65
N LEU A 419 10.44 -6.59 -9.86
CA LEU A 419 11.89 -6.80 -9.95
C LEU A 419 12.49 -7.41 -8.69
N MET A 420 12.01 -7.01 -7.51
CA MET A 420 12.48 -7.59 -6.24
C MET A 420 12.32 -9.12 -6.18
N HIS A 421 11.28 -9.65 -6.82
CA HIS A 421 11.01 -11.09 -6.80
C HIS A 421 11.79 -11.92 -7.84
N ASN A 422 12.51 -11.26 -8.73
CA ASN A 422 13.61 -11.92 -9.46
C ASN A 422 14.77 -12.19 -8.51
N ILE A 423 15.08 -11.21 -7.66
CA ILE A 423 16.16 -11.33 -6.68
C ILE A 423 15.79 -12.24 -5.49
N SER A 424 14.53 -12.17 -5.05
CA SER A 424 14.09 -12.91 -3.86
C SER A 424 14.01 -14.43 -4.06
N GLY A 425 13.89 -14.88 -5.30
CA GLY A 425 13.69 -16.29 -5.62
C GLY A 425 12.22 -16.70 -5.72
N SER A 426 11.30 -15.75 -5.51
CA SER A 426 9.86 -16.02 -5.62
C SER A 426 9.35 -15.50 -6.96
N LYS A 427 9.85 -16.12 -8.04
CA LYS A 427 9.55 -15.70 -9.41
C LYS A 427 8.06 -15.85 -9.76
N TYR A 428 7.41 -16.79 -9.10
CA TYR A 428 5.96 -16.99 -9.20
C TYR A 428 5.06 -15.83 -8.72
N LYS A 429 5.61 -14.89 -7.96
CA LYS A 429 4.80 -13.79 -7.39
C LYS A 429 4.53 -12.66 -8.40
N LYS A 430 3.63 -12.93 -9.35
CA LYS A 430 3.19 -11.92 -10.31
C LYS A 430 2.24 -10.94 -9.63
N PHE A 431 2.44 -9.65 -9.89
CA PHE A 431 1.45 -8.64 -9.53
C PHE A 431 0.47 -8.52 -10.68
N VAL A 432 -0.83 -8.53 -10.37
CA VAL A 432 -1.86 -8.37 -11.38
C VAL A 432 -2.65 -7.11 -11.04
N ALA A 433 -2.84 -6.25 -12.04
CA ALA A 433 -3.70 -5.07 -11.91
C ALA A 433 -4.69 -5.09 -13.05
N LYS A 434 -5.97 -4.95 -12.72
CA LYS A 434 -7.02 -4.87 -13.73
C LYS A 434 -8.02 -3.76 -13.44
N ILE A 435 -8.36 -3.02 -14.49
CA ILE A 435 -9.37 -1.97 -14.42
C ILE A 435 -10.45 -2.31 -15.43
N VAL A 436 -11.68 -2.34 -14.96
CA VAL A 436 -12.87 -2.61 -15.78
C VAL A 436 -13.58 -1.28 -15.93
N THR A 437 -13.93 -0.91 -17.16
CA THR A 437 -14.63 0.35 -17.42
C THR A 437 -15.86 0.18 -18.31
N ASN A 438 -16.77 1.14 -18.20
CA ASN A 438 -17.76 1.36 -19.24
C ASN A 438 -17.03 2.09 -20.35
N HIS A 439 -16.82 1.42 -21.48
CA HIS A 439 -16.11 2.03 -22.61
C HIS A 439 -16.87 3.18 -23.32
N SER A 440 -18.18 3.29 -23.10
CA SER A 440 -18.97 4.39 -23.66
C SER A 440 -18.52 5.77 -23.16
N ASP A 441 -18.20 5.88 -21.87
CA ASP A 441 -17.70 7.12 -21.28
C ASP A 441 -16.37 7.00 -20.49
N GLY A 442 -15.79 5.82 -20.43
CA GLY A 442 -14.54 5.59 -19.69
C GLY A 442 -14.65 5.46 -18.17
N THR A 443 -15.87 5.45 -17.63
CA THR A 443 -16.08 5.38 -16.18
C THR A 443 -15.54 4.08 -15.63
N VAL A 444 -14.74 4.16 -14.56
CA VAL A 444 -14.17 2.97 -13.94
C VAL A 444 -15.27 2.26 -13.14
N LEU A 445 -15.55 1.02 -13.51
CA LEU A 445 -16.57 0.19 -12.86
C LEU A 445 -15.97 -0.70 -11.77
N GLY A 446 -14.73 -1.15 -11.96
CA GLY A 446 -14.03 -1.93 -10.94
C GLY A 446 -12.53 -1.95 -11.10
N VAL A 447 -11.82 -2.15 -9.99
CA VAL A 447 -10.37 -2.31 -9.97
C VAL A 447 -10.03 -3.54 -9.13
N HIS A 448 -9.16 -4.40 -9.68
CA HIS A 448 -8.83 -5.67 -9.03
C HIS A 448 -7.32 -5.87 -9.04
N LEU A 449 -6.76 -6.14 -7.86
CA LEU A 449 -5.32 -6.19 -7.63
C LEU A 449 -4.95 -7.49 -6.93
N LEU A 450 -3.86 -8.11 -7.37
CA LEU A 450 -3.24 -9.22 -6.66
C LEU A 450 -1.76 -8.91 -6.51
N GLY A 451 -1.25 -9.05 -5.29
CA GLY A 451 0.16 -8.83 -4.99
C GLY A 451 0.35 -8.02 -3.73
N ASP A 452 1.58 -7.99 -3.24
CA ASP A 452 1.88 -7.32 -1.97
C ASP A 452 1.50 -5.84 -2.03
N GLY A 453 0.85 -5.38 -0.96
CA GLY A 453 0.34 -4.02 -0.87
C GLY A 453 -1.06 -3.81 -1.44
N ALA A 454 -1.63 -4.82 -2.10
CA ALA A 454 -2.95 -4.68 -2.76
C ALA A 454 -4.07 -4.15 -1.82
N PRO A 455 -4.17 -4.67 -0.59
CA PRO A 455 -5.20 -4.12 0.33
C PRO A 455 -5.00 -2.63 0.69
N GLU A 456 -3.75 -2.19 0.79
CA GLU A 456 -3.44 -0.80 1.08
C GLU A 456 -3.66 0.10 -0.15
N ILE A 457 -3.33 -0.41 -1.33
CA ILE A 457 -3.49 0.34 -2.59
C ILE A 457 -4.96 0.63 -2.87
N ILE A 458 -5.83 -0.33 -2.57
CA ILE A 458 -7.22 -0.28 -2.99
C ILE A 458 -8.09 0.71 -2.20
N GLN A 459 -7.68 1.12 -0.99
CA GLN A 459 -8.49 2.02 -0.18
C GLN A 459 -8.83 3.33 -0.88
N ALA A 460 -7.80 4.03 -1.36
CA ALA A 460 -8.03 5.30 -2.07
C ALA A 460 -8.68 5.10 -3.45
N VAL A 461 -8.57 3.90 -4.02
CA VAL A 461 -9.32 3.54 -5.23
C VAL A 461 -10.83 3.57 -4.93
N GLY A 462 -11.22 3.08 -3.76
CA GLY A 462 -12.60 3.23 -3.28
C GLY A 462 -13.10 4.67 -3.33
N VAL A 463 -12.24 5.61 -2.92
CA VAL A 463 -12.59 7.03 -2.96
C VAL A 463 -12.72 7.50 -4.42
N CYS A 464 -11.81 7.06 -5.29
CA CYS A 464 -11.89 7.38 -6.73
C CYS A 464 -13.20 6.92 -7.38
N LEU A 465 -13.65 5.72 -7.04
CA LEU A 465 -14.91 5.18 -7.59
C LEU A 465 -16.14 5.92 -7.07
N ARG A 466 -16.13 6.32 -5.80
CA ARG A 466 -17.15 7.24 -5.26
C ARG A 466 -17.25 8.54 -6.06
N LEU A 467 -16.11 9.04 -6.54
CA LEU A 467 -16.03 10.25 -7.36
C LEU A 467 -16.24 10.02 -8.86
N ASN A 468 -16.68 8.82 -9.24
CA ASN A 468 -16.92 8.44 -10.64
C ASN A 468 -15.70 8.66 -11.55
N ALA A 469 -14.52 8.31 -11.05
CA ALA A 469 -13.28 8.41 -11.82
C ALA A 469 -13.40 7.68 -13.15
N LYS A 470 -12.84 8.30 -14.18
CA LYS A 470 -12.68 7.68 -15.49
C LYS A 470 -11.26 7.14 -15.59
N ILE A 471 -11.05 6.24 -16.56
CA ILE A 471 -9.72 5.69 -16.83
C ILE A 471 -8.68 6.79 -17.10
N SER A 472 -9.09 7.87 -17.77
CA SER A 472 -8.20 9.00 -18.04
C SER A 472 -7.76 9.74 -16.78
N ASP A 473 -8.61 9.77 -15.75
CA ASP A 473 -8.21 10.31 -14.44
C ASP A 473 -7.09 9.48 -13.81
N PHE A 474 -7.06 8.19 -14.08
CA PHE A 474 -5.96 7.31 -13.65
C PHE A 474 -4.68 7.53 -14.47
N TYR A 475 -4.75 7.38 -15.80
CA TYR A 475 -3.54 7.48 -16.63
C TYR A 475 -2.96 8.89 -16.78
N ASN A 476 -3.74 9.94 -16.51
CA ASN A 476 -3.21 11.31 -16.47
C ASN A 476 -2.67 11.73 -15.10
N THR A 477 -2.85 10.88 -14.08
CA THR A 477 -2.22 11.10 -12.78
C THR A 477 -0.78 10.61 -12.84
N ILE A 478 0.13 11.41 -12.29
CA ILE A 478 1.56 11.11 -12.33
C ILE A 478 1.88 9.98 -11.32
N GLY A 479 2.64 8.99 -11.78
CA GLY A 479 2.98 7.83 -10.97
C GLY A 479 3.91 8.16 -9.81
N VAL A 480 3.86 7.30 -8.79
CA VAL A 480 4.84 7.28 -7.70
C VAL A 480 5.73 6.10 -7.99
N HIS A 481 7.03 6.37 -8.12
CA HIS A 481 7.97 5.40 -8.65
C HIS A 481 9.10 5.20 -7.64
N PRO A 482 9.54 3.96 -7.38
CA PRO A 482 8.98 2.72 -7.93
C PRO A 482 7.95 2.09 -6.97
N THR A 483 6.75 1.83 -7.47
CA THR A 483 5.70 1.13 -6.70
C THR A 483 4.97 0.15 -7.60
N SER A 484 4.19 -0.74 -7.00
CA SER A 484 3.21 -1.53 -7.75
C SER A 484 1.99 -0.69 -8.13
N ALA A 485 1.59 0.21 -7.23
CA ALA A 485 0.42 1.07 -7.42
C ALA A 485 0.44 1.91 -8.70
N GLU A 486 1.63 2.35 -9.12
CA GLU A 486 1.74 3.17 -10.34
C GLU A 486 1.30 2.46 -11.61
N GLU A 487 1.23 1.13 -11.56
CA GLU A 487 0.66 0.35 -12.66
C GLU A 487 -0.78 0.77 -12.99
N LEU A 488 -1.54 1.20 -11.99
CA LEU A 488 -2.89 1.72 -12.20
C LEU A 488 -2.98 3.00 -13.01
N CYS A 489 -1.88 3.77 -13.04
CA CYS A 489 -1.79 5.02 -13.81
C CYS A 489 -0.96 4.87 -15.10
N SER A 490 -0.64 3.63 -15.47
CA SER A 490 0.20 3.35 -16.64
C SER A 490 -0.56 2.56 -17.71
N MET A 491 -1.88 2.43 -17.58
CA MET A 491 -2.68 1.65 -18.51
C MET A 491 -3.61 2.57 -19.31
N ARG A 492 -3.25 2.77 -20.57
CA ARG A 492 -3.96 3.67 -21.48
C ARG A 492 -4.84 2.96 -22.52
N THR A 493 -4.45 1.74 -22.89
CA THR A 493 -5.10 1.01 -23.99
C THR A 493 -5.73 -0.28 -23.46
N PRO A 494 -7.03 -0.52 -23.74
CA PRO A 494 -7.68 -1.77 -23.33
C PRO A 494 -6.97 -3.03 -23.82
N SER A 495 -6.90 -4.04 -22.96
CA SER A 495 -6.33 -5.35 -23.34
C SER A 495 -7.33 -6.15 -24.16
N TYR A 496 -8.61 -6.04 -23.81
CA TYR A 496 -9.70 -6.62 -24.58
C TYR A 496 -11.02 -5.95 -24.19
N TYR A 497 -12.12 -6.38 -24.81
CA TYR A 497 -13.44 -5.79 -24.56
C TYR A 497 -14.51 -6.86 -24.38
N TYR A 498 -15.67 -6.42 -23.92
CA TYR A 498 -16.91 -7.18 -23.98
C TYR A 498 -17.94 -6.32 -24.71
N VAL A 499 -18.44 -6.82 -25.85
CA VAL A 499 -19.48 -6.15 -26.63
C VAL A 499 -20.76 -6.97 -26.51
N LYS A 500 -21.78 -6.42 -25.86
CA LYS A 500 -23.03 -7.12 -25.54
C LYS A 500 -22.81 -8.50 -24.89
N GLY A 501 -21.83 -8.58 -23.99
CA GLY A 501 -21.49 -9.81 -23.28
C GLY A 501 -20.43 -10.70 -23.90
N GLU A 502 -20.02 -10.39 -25.14
CA GLU A 502 -19.12 -11.27 -25.90
C GLU A 502 -17.69 -10.75 -25.86
N LYS A 503 -16.76 -11.58 -25.39
CA LYS A 503 -15.35 -11.21 -25.27
C LYS A 503 -14.68 -11.12 -26.64
N MET A 504 -13.82 -10.12 -26.82
CA MET A 504 -13.05 -9.93 -28.04
C MET A 504 -11.88 -8.96 -27.82
N GLU A 505 -10.76 -9.22 -28.48
CA GLU A 505 -9.55 -8.40 -28.34
C GLU A 505 -9.69 -6.97 -28.88
N LYS A 506 -10.39 -6.83 -30.01
CA LYS A 506 -10.62 -5.54 -30.66
C LYS A 506 -12.12 -5.27 -30.80
N LEU A 507 -12.47 -3.99 -30.88
CA LEU A 507 -13.84 -3.56 -31.18
C LEU A 507 -14.05 -3.61 -32.70
N PRO A 508 -15.19 -4.15 -33.17
CA PRO A 508 -15.56 -4.00 -34.58
C PRO A 508 -15.85 -2.53 -34.96
N ASP A 509 -15.57 -2.19 -36.21
CA ASP A 509 -15.73 -0.81 -36.70
C ASP A 509 -17.18 -0.36 -36.70
N HIS B 20 31.30 13.64 -41.12
CA HIS B 20 30.83 13.90 -39.71
C HIS B 20 29.38 14.40 -39.59
N MET B 21 28.97 15.33 -40.45
CA MET B 21 27.61 15.90 -40.41
C MET B 21 26.57 14.92 -40.91
N SER B 22 25.60 14.58 -40.05
CA SER B 22 24.56 13.61 -40.37
C SER B 22 23.48 14.18 -41.29
N LYS B 23 22.61 13.30 -41.76
CA LYS B 23 21.32 13.70 -42.33
C LYS B 23 20.44 14.22 -41.20
N ALA B 24 19.46 15.03 -41.55
CA ALA B 24 18.60 15.70 -40.57
C ALA B 24 17.81 14.71 -39.70
N PHE B 25 17.97 14.84 -38.38
CA PHE B 25 17.05 14.19 -37.43
C PHE B 25 15.94 15.17 -37.10
N ASP B 26 14.73 14.65 -36.93
CA ASP B 26 13.61 15.44 -36.42
C ASP B 26 13.88 15.88 -34.98
N LEU B 27 14.47 14.98 -34.19
CA LEU B 27 14.77 15.25 -32.79
C LEU B 27 16.09 14.62 -32.40
N VAL B 28 16.94 15.40 -31.75
CA VAL B 28 18.14 14.90 -31.11
C VAL B 28 17.98 15.14 -29.61
N VAL B 29 18.02 14.05 -28.84
CA VAL B 29 17.87 14.07 -27.40
C VAL B 29 19.26 13.87 -26.78
N ILE B 30 19.69 14.81 -25.93
CA ILE B 30 20.95 14.64 -25.19
C ILE B 30 20.57 14.17 -23.79
N GLY B 31 20.88 12.91 -23.52
CA GLY B 31 20.57 12.26 -22.25
C GLY B 31 19.51 11.21 -22.47
N ALA B 32 19.90 9.95 -22.34
CA ALA B 32 19.02 8.80 -22.55
C ALA B 32 18.44 8.31 -21.23
N GLY B 33 17.78 9.22 -20.51
CA GLY B 33 17.19 8.90 -19.22
C GLY B 33 15.69 8.90 -19.21
N SER B 34 15.11 9.13 -18.04
CA SER B 34 13.67 9.01 -17.84
C SER B 34 12.88 9.84 -18.83
N GLY B 35 13.19 11.14 -18.88
CA GLY B 35 12.51 12.06 -19.78
C GLY B 35 12.91 11.89 -21.23
N GLY B 36 14.21 11.76 -21.47
CA GLY B 36 14.76 11.66 -22.81
C GLY B 36 14.30 10.44 -23.60
N LEU B 37 14.22 9.29 -22.93
CA LEU B 37 13.76 8.06 -23.56
C LEU B 37 12.26 8.06 -23.84
N GLU B 38 11.47 8.64 -22.93
CA GLU B 38 10.04 8.79 -23.16
C GLU B 38 9.79 9.67 -24.38
N ALA B 39 10.49 10.79 -24.46
CA ALA B 39 10.37 11.71 -25.58
C ALA B 39 10.78 11.02 -26.88
N GLY B 40 11.95 10.38 -26.85
CA GLY B 40 12.51 9.72 -28.03
C GLY B 40 11.59 8.62 -28.56
N TRP B 41 11.17 7.74 -27.66
CA TRP B 41 10.28 6.64 -28.00
C TRP B 41 8.94 7.13 -28.57
N ASN B 42 8.31 8.09 -27.90
CA ASN B 42 7.03 8.64 -28.36
C ASN B 42 7.15 9.31 -29.73
N ALA B 43 8.23 10.07 -29.94
CA ALA B 43 8.42 10.78 -31.20
C ALA B 43 8.65 9.81 -32.36
N ALA B 44 9.43 8.76 -32.11
CA ALA B 44 9.68 7.73 -33.10
C ALA B 44 8.44 6.88 -33.41
N THR B 45 7.78 6.36 -32.36
CA THR B 45 6.77 5.31 -32.53
C THR B 45 5.35 5.85 -32.73
N LEU B 46 5.01 6.95 -32.06
CA LEU B 46 3.68 7.55 -32.20
C LEU B 46 3.60 8.53 -33.37
N TYR B 47 4.68 9.27 -33.64
CA TYR B 47 4.67 10.30 -34.67
C TYR B 47 5.56 10.01 -35.89
N GLY B 48 6.17 8.81 -35.92
CA GLY B 48 6.97 8.38 -37.07
C GLY B 48 8.20 9.23 -37.37
N LYS B 49 8.75 9.87 -36.34
CA LYS B 49 9.87 10.82 -36.51
C LYS B 49 11.22 10.11 -36.40
N ARG B 50 12.24 10.75 -36.97
CA ARG B 50 13.60 10.23 -36.95
C ARG B 50 14.33 10.85 -35.75
N VAL B 51 14.76 9.99 -34.83
CA VAL B 51 15.24 10.40 -33.51
C VAL B 51 16.64 9.87 -33.23
N ALA B 52 17.50 10.74 -32.71
CA ALA B 52 18.81 10.38 -32.18
C ALA B 52 18.82 10.65 -30.69
N VAL B 53 19.40 9.73 -29.93
CA VAL B 53 19.55 9.87 -28.48
C VAL B 53 21.00 9.64 -28.12
N VAL B 54 21.56 10.53 -27.31
CA VAL B 54 22.97 10.48 -26.93
C VAL B 54 23.09 10.23 -25.44
N ASP B 55 23.95 9.29 -25.06
CA ASP B 55 24.34 9.10 -23.66
C ASP B 55 25.81 8.68 -23.58
N VAL B 56 26.39 8.87 -22.40
CA VAL B 56 27.83 8.68 -22.18
C VAL B 56 28.26 7.23 -21.89
N GLN B 57 27.32 6.39 -21.48
CA GLN B 57 27.58 4.98 -21.18
C GLN B 57 26.41 4.13 -21.64
N THR B 58 26.71 2.87 -21.92
CA THR B 58 25.69 1.88 -22.31
C THR B 58 25.23 1.02 -21.12
N SER B 59 26.00 0.99 -20.04
CA SER B 59 25.57 0.32 -18.82
C SER B 59 26.03 1.04 -17.55
N HIS B 60 25.41 0.67 -16.44
CA HIS B 60 25.60 1.33 -15.14
C HIS B 60 27.02 1.26 -14.59
N GLY B 61 27.40 2.32 -13.89
CA GLY B 61 28.58 2.30 -13.04
C GLY B 61 29.71 3.23 -13.44
N PRO B 62 30.86 3.13 -12.74
CA PRO B 62 32.00 3.99 -13.01
C PRO B 62 32.40 3.92 -14.50
N PRO B 63 32.93 5.01 -15.08
CA PRO B 63 33.29 6.24 -14.36
C PRO B 63 32.20 7.32 -14.24
N PHE B 64 31.15 7.27 -15.08
CA PHE B 64 30.12 8.33 -15.13
C PHE B 64 28.76 7.96 -14.51
N TYR B 65 28.62 6.71 -14.07
CA TYR B 65 27.53 6.21 -13.21
C TYR B 65 26.19 6.08 -13.92
N ALA B 66 25.59 7.20 -14.31
CA ALA B 66 24.39 7.14 -15.13
C ALA B 66 24.79 6.67 -16.52
N ALA B 67 23.80 6.16 -17.24
CA ALA B 67 24.00 5.53 -18.52
C ALA B 67 22.66 5.45 -19.21
N LEU B 68 22.65 4.81 -20.38
CA LEU B 68 21.40 4.41 -21.03
C LEU B 68 20.39 3.90 -20.00
N GLY B 69 19.24 4.55 -19.93
CA GLY B 69 18.22 4.28 -18.91
C GLY B 69 18.04 5.43 -17.94
N GLY B 70 19.12 6.19 -17.69
CA GLY B 70 19.08 7.39 -16.87
C GLY B 70 19.55 7.14 -15.46
N THR B 71 19.44 8.18 -14.63
CA THR B 71 19.82 8.14 -13.22
C THR B 71 18.96 7.15 -12.45
N CYS B 72 17.66 7.16 -12.72
CA CYS B 72 16.71 6.32 -11.98
C CYS B 72 17.03 4.83 -12.13
N VAL B 73 17.19 4.38 -13.36
CA VAL B 73 17.57 3.00 -13.68
C VAL B 73 18.91 2.59 -13.10
N ASN B 74 19.92 3.45 -13.27
CA ASN B 74 21.30 3.07 -13.04
C ASN B 74 21.81 3.35 -11.62
N VAL B 75 21.54 4.54 -11.10
CA VAL B 75 22.05 4.98 -9.79
C VAL B 75 21.02 5.85 -9.06
N GLY B 76 19.77 5.37 -9.06
CA GLY B 76 18.64 6.11 -8.50
C GLY B 76 17.55 5.19 -7.98
N CYS B 77 16.30 5.52 -8.31
CA CYS B 77 15.10 4.83 -7.80
C CYS B 77 15.17 3.31 -7.78
N VAL B 78 15.60 2.73 -8.90
CA VAL B 78 15.56 1.27 -9.09
C VAL B 78 16.52 0.53 -8.15
N PRO B 79 17.84 0.80 -8.24
CA PRO B 79 18.75 0.13 -7.31
C PRO B 79 18.55 0.50 -5.85
N LYS B 80 18.22 1.77 -5.59
CA LYS B 80 17.90 2.27 -4.24
C LYS B 80 16.80 1.43 -3.59
N LYS B 81 15.71 1.25 -4.32
CA LYS B 81 14.55 0.49 -3.83
C LYS B 81 14.90 -0.96 -3.51
N LEU B 82 15.68 -1.60 -4.39
CA LEU B 82 16.14 -2.96 -4.14
C LEU B 82 16.99 -3.05 -2.87
N MET B 83 17.83 -2.04 -2.66
CA MET B 83 18.70 -1.99 -1.50
C MET B 83 17.95 -1.69 -0.21
N VAL B 84 16.94 -0.82 -0.27
CA VAL B 84 16.05 -0.56 0.88
C VAL B 84 15.26 -1.82 1.23
N THR B 85 14.74 -2.51 0.21
CA THR B 85 14.07 -3.80 0.40
C THR B 85 15.00 -4.76 1.15
N GLY B 86 16.26 -4.85 0.71
CA GLY B 86 17.26 -5.63 1.42
C GLY B 86 17.41 -5.22 2.88
N ALA B 87 17.50 -3.91 3.11
CA ALA B 87 17.66 -3.35 4.46
C ALA B 87 16.49 -3.67 5.39
N GLN B 88 15.28 -3.64 4.83
CA GLN B 88 14.06 -3.97 5.58
C GLN B 88 14.10 -5.35 6.25
N TYR B 89 14.88 -6.30 5.72
CA TYR B 89 14.98 -7.63 6.33
C TYR B 89 15.58 -7.63 7.73
N MET B 90 16.40 -6.65 8.07
CA MET B 90 16.89 -6.54 9.46
C MET B 90 15.70 -6.39 10.41
N ASP B 91 14.76 -5.52 10.05
CA ASP B 91 13.54 -5.33 10.83
C ASP B 91 12.65 -6.59 10.81
N HIS B 92 12.43 -7.18 9.65
CA HIS B 92 11.61 -8.39 9.54
C HIS B 92 12.14 -9.56 10.38
N LEU B 93 13.45 -9.83 10.29
CA LEU B 93 14.08 -10.89 11.11
C LEU B 93 13.89 -10.63 12.60
N ARG B 94 14.11 -9.39 13.04
CA ARG B 94 13.93 -9.03 14.45
C ARG B 94 12.45 -9.16 14.87
N GLU B 95 11.57 -8.57 14.05
CA GLU B 95 10.14 -8.53 14.34
C GLU B 95 9.46 -9.90 14.26
N SER B 96 10.02 -10.84 13.50
CA SER B 96 9.46 -12.19 13.39
C SER B 96 9.36 -12.93 14.75
N ALA B 97 10.27 -12.62 15.68
CA ALA B 97 10.30 -13.25 17.02
C ALA B 97 8.99 -13.05 17.80
N GLY B 98 8.41 -11.85 17.69
CA GLY B 98 7.10 -11.55 18.29
C GLY B 98 5.97 -12.46 17.84
N PHE B 99 6.06 -12.95 16.59
CA PHE B 99 5.06 -13.86 16.02
C PHE B 99 5.44 -15.34 16.13
N GLY B 100 6.44 -15.64 16.96
CA GLY B 100 6.83 -17.01 17.27
C GLY B 100 8.00 -17.57 16.48
N TRP B 101 8.59 -16.80 15.59
CA TRP B 101 9.70 -17.33 14.79
C TRP B 101 10.97 -17.38 15.63
N GLU B 102 11.62 -18.54 15.62
CA GLU B 102 12.80 -18.79 16.43
C GLU B 102 13.93 -19.18 15.51
N PHE B 103 15.10 -18.61 15.73
CA PHE B 103 16.31 -19.01 15.01
C PHE B 103 17.54 -18.50 15.73
N ASP B 104 18.69 -19.01 15.32
CA ASP B 104 19.96 -18.61 15.91
C ASP B 104 20.32 -17.20 15.44
N GLY B 105 19.99 -16.21 16.26
CA GLY B 105 20.32 -14.81 15.99
C GLY B 105 21.81 -14.54 15.79
N SER B 106 22.64 -15.31 16.51
CA SER B 106 24.11 -15.22 16.38
C SER B 106 24.67 -15.68 15.02
N SER B 107 23.88 -16.43 14.24
CA SER B 107 24.27 -16.82 12.89
C SER B 107 23.88 -15.81 11.80
N VAL B 108 23.15 -14.75 12.17
CA VAL B 108 22.62 -13.79 11.20
C VAL B 108 23.72 -12.84 10.71
N LYS B 109 23.99 -12.86 9.41
CA LYS B 109 24.93 -11.95 8.76
C LYS B 109 24.29 -11.32 7.52
N ALA B 110 24.60 -10.05 7.29
CA ALA B 110 24.15 -9.33 6.10
C ALA B 110 25.31 -9.23 5.11
N ASN B 111 25.22 -10.00 4.02
CA ASN B 111 26.24 -10.02 2.96
C ASN B 111 25.97 -8.90 1.93
N TRP B 112 26.66 -7.78 2.12
CA TRP B 112 26.58 -6.61 1.24
C TRP B 112 27.02 -6.93 -0.19
N LYS B 113 28.10 -7.69 -0.33
CA LYS B 113 28.59 -8.11 -1.65
C LYS B 113 27.51 -8.82 -2.47
N LYS B 114 26.73 -9.68 -1.82
CA LYS B 114 25.63 -10.39 -2.47
C LYS B 114 24.49 -9.46 -2.91
N LEU B 115 24.14 -8.50 -2.04
CA LEU B 115 23.15 -7.46 -2.38
C LEU B 115 23.58 -6.68 -3.63
N ILE B 116 24.82 -6.18 -3.60
CA ILE B 116 25.34 -5.35 -4.69
C ILE B 116 25.38 -6.15 -6.00
N ALA B 117 25.81 -7.42 -5.94
CA ALA B 117 25.86 -8.28 -7.13
C ALA B 117 24.47 -8.49 -7.74
N ALA B 118 23.48 -8.75 -6.89
CA ALA B 118 22.09 -8.92 -7.34
C ALA B 118 21.54 -7.64 -7.94
N LYS B 119 21.79 -6.51 -7.26
CA LYS B 119 21.43 -5.19 -7.79
C LYS B 119 22.06 -4.95 -9.15
N ASN B 120 23.34 -5.27 -9.29
CA ASN B 120 24.08 -5.06 -10.55
C ASN B 120 23.49 -5.84 -11.73
N GLU B 121 23.15 -7.10 -11.50
CA GLU B 121 22.53 -7.98 -12.50
CA GLU B 121 22.56 -7.93 -12.57
C GLU B 121 21.18 -7.41 -12.95
N ALA B 122 20.37 -7.01 -11.98
CA ALA B 122 19.05 -6.42 -12.26
C ALA B 122 19.16 -5.15 -13.09
N VAL B 123 20.07 -4.27 -12.73
CA VAL B 123 20.26 -3.01 -13.47
C VAL B 123 20.80 -3.29 -14.87
N LEU B 124 21.78 -4.21 -14.97
CA LEU B 124 22.35 -4.59 -16.26
C LEU B 124 21.29 -5.17 -17.21
N ASP B 125 20.37 -5.97 -16.69
CA ASP B 125 19.23 -6.47 -17.48
C ASP B 125 18.40 -5.33 -18.08
N ILE B 126 18.18 -4.28 -17.30
CA ILE B 126 17.45 -3.10 -17.77
C ILE B 126 18.26 -2.38 -18.86
N ASN B 127 19.55 -2.17 -18.63
CA ASN B 127 20.44 -1.59 -19.64
C ASN B 127 20.34 -2.36 -20.96
N LYS B 128 20.40 -3.69 -20.87
CA LYS B 128 20.35 -4.56 -22.05
C LYS B 128 19.01 -4.50 -22.78
N SER B 129 17.91 -4.39 -22.05
CA SER B 129 16.59 -4.25 -22.67
C SER B 129 16.46 -2.92 -23.44
N TYR B 130 17.08 -1.86 -22.92
CA TYR B 130 17.11 -0.57 -23.62
C TYR B 130 17.93 -0.63 -24.92
N GLU B 131 19.02 -1.40 -24.93
CA GLU B 131 19.75 -1.66 -26.18
C GLU B 131 18.87 -2.36 -27.22
N GLY B 132 18.05 -3.31 -26.76
CA GLY B 132 17.07 -3.99 -27.62
C GLY B 132 16.03 -3.07 -28.24
N MET B 133 15.54 -2.11 -27.45
CA MET B 133 14.60 -1.08 -27.92
C MET B 133 15.16 -0.29 -29.11
N PHE B 134 16.42 0.11 -29.00
CA PHE B 134 17.08 0.87 -30.08
C PHE B 134 17.30 0.00 -31.32
N ASN B 135 17.68 -1.25 -31.12
CA ASN B 135 17.87 -2.20 -32.23
C ASN B 135 16.59 -2.51 -33.01
N ASP B 136 15.46 -2.62 -32.31
CA ASP B 136 14.20 -3.06 -32.92
C ASP B 136 13.30 -1.94 -33.47
N THR B 137 13.64 -0.68 -33.20
CA THR B 137 12.73 0.46 -33.48
C THR B 137 13.30 1.36 -34.58
N GLU B 138 12.62 1.40 -35.73
CA GLU B 138 13.01 2.25 -36.85
C GLU B 138 12.94 3.73 -36.47
N GLY B 139 13.96 4.48 -36.88
CA GLY B 139 14.02 5.92 -36.60
C GLY B 139 14.28 6.27 -35.13
N LEU B 140 14.82 5.33 -34.36
CA LEU B 140 15.26 5.57 -33.00
C LEU B 140 16.68 5.02 -32.87
N ASP B 141 17.67 5.93 -32.94
CA ASP B 141 19.09 5.57 -32.98
C ASP B 141 19.85 6.09 -31.75
N PHE B 142 20.72 5.25 -31.20
CA PHE B 142 21.55 5.61 -30.05
C PHE B 142 22.97 5.97 -30.48
N PHE B 143 23.51 7.04 -29.88
CA PHE B 143 24.90 7.44 -30.12
C PHE B 143 25.65 7.53 -28.79
N LEU B 144 26.77 6.83 -28.70
CA LEU B 144 27.60 6.82 -27.49
C LEU B 144 28.52 8.02 -27.50
N GLY B 145 28.45 8.85 -26.46
CA GLY B 145 29.36 9.97 -26.30
C GLY B 145 28.80 11.12 -25.50
N TRP B 146 29.54 12.23 -25.50
CA TRP B 146 29.13 13.45 -24.80
C TRP B 146 28.54 14.45 -25.78
N GLY B 147 27.25 14.73 -25.62
CA GLY B 147 26.54 15.70 -26.44
C GLY B 147 26.73 17.13 -25.97
N SER B 148 26.87 18.05 -26.93
CA SER B 148 26.87 19.47 -26.65
C SER B 148 26.31 20.24 -27.84
N LEU B 149 25.96 21.50 -27.61
CA LEU B 149 25.40 22.36 -28.66
C LEU B 149 26.51 23.09 -29.39
N GLU B 150 26.68 22.77 -30.67
CA GLU B 150 27.57 23.51 -31.55
C GLU B 150 26.87 24.76 -32.09
N SER B 151 25.64 24.57 -32.56
CA SER B 151 24.80 25.65 -33.05
C SER B 151 23.34 25.27 -32.82
N LYS B 152 22.42 26.15 -33.24
CA LYS B 152 20.98 25.91 -33.08
C LYS B 152 20.50 24.59 -33.70
N ASN B 153 21.16 24.14 -34.77
CA ASN B 153 20.75 22.94 -35.51
C ASN B 153 21.79 21.83 -35.53
N VAL B 154 22.83 21.92 -34.72
CA VAL B 154 23.85 20.88 -34.66
C VAL B 154 24.18 20.53 -33.21
N VAL B 155 24.00 19.25 -32.88
CA VAL B 155 24.51 18.66 -31.66
C VAL B 155 25.79 17.92 -32.03
N VAL B 156 26.89 18.25 -31.36
CA VAL B 156 28.14 17.54 -31.56
C VAL B 156 28.31 16.49 -30.46
N VAL B 157 28.79 15.31 -30.86
CA VAL B 157 29.05 14.20 -29.94
C VAL B 157 30.56 14.01 -29.91
N ARG B 158 31.15 14.16 -28.72
CA ARG B 158 32.59 14.04 -28.54
C ARG B 158 32.94 12.85 -27.65
N GLU B 159 34.22 12.48 -27.67
CA GLU B 159 34.73 11.33 -26.91
C GLU B 159 34.62 11.51 -25.40
N THR B 160 34.86 12.73 -24.92
CA THR B 160 34.77 13.05 -23.49
C THR B 160 34.02 14.37 -23.28
N ALA B 161 33.82 14.74 -22.02
CA ALA B 161 33.17 16.01 -21.66
C ALA B 161 34.01 17.24 -21.99
N ASP B 162 35.31 17.06 -22.17
CA ASP B 162 36.22 18.12 -22.62
C ASP B 162 35.83 18.54 -24.04
N PRO B 163 35.48 19.83 -24.25
CA PRO B 163 35.11 20.27 -25.61
C PRO B 163 36.25 20.24 -26.65
N LYS B 164 37.50 20.03 -26.22
CA LYS B 164 38.64 19.82 -27.12
C LYS B 164 38.87 18.34 -27.51
N SER B 165 38.09 17.41 -26.93
CA SER B 165 38.21 15.99 -27.27
C SER B 165 37.65 15.73 -28.67
N ALA B 166 37.98 14.57 -29.22
CA ALA B 166 37.70 14.26 -30.63
C ALA B 166 36.21 14.15 -30.92
N VAL B 167 35.80 14.64 -32.09
CA VAL B 167 34.43 14.55 -32.55
C VAL B 167 34.17 13.13 -33.01
N LYS B 168 33.09 12.52 -32.53
CA LYS B 168 32.64 11.21 -33.01
C LYS B 168 31.69 11.42 -34.18
N GLU B 169 30.71 12.31 -34.00
CA GLU B 169 29.88 12.79 -35.11
C GLU B 169 29.15 14.08 -34.76
N ARG B 170 28.68 14.76 -35.80
CA ARG B 170 27.82 15.91 -35.70
C ARG B 170 26.41 15.49 -36.11
N LEU B 171 25.43 15.77 -35.26
CA LEU B 171 24.04 15.37 -35.51
C LEU B 171 23.26 16.61 -35.91
N GLN B 172 22.83 16.65 -37.17
CA GLN B 172 21.97 17.72 -37.66
C GLN B 172 20.57 17.51 -37.08
N ALA B 173 20.04 18.55 -36.43
CA ALA B 173 18.85 18.44 -35.60
C ALA B 173 17.83 19.50 -35.92
N ASP B 174 16.64 19.09 -36.36
CA ASP B 174 15.51 20.02 -36.50
C ASP B 174 15.04 20.52 -35.14
N HIS B 175 15.00 19.61 -34.16
CA HIS B 175 14.68 19.94 -32.77
C HIS B 175 15.71 19.32 -31.85
N ILE B 176 16.01 19.99 -30.75
CA ILE B 176 16.97 19.52 -29.75
C ILE B 176 16.29 19.47 -28.38
N LEU B 177 16.43 18.33 -27.70
CA LEU B 177 15.92 18.16 -26.33
C LEU B 177 17.09 17.99 -25.35
N LEU B 178 17.18 18.91 -24.40
CA LEU B 178 18.16 18.84 -23.32
C LEU B 178 17.55 18.05 -22.18
N ALA B 179 18.11 16.88 -21.88
CA ALA B 179 17.57 15.97 -20.87
C ALA B 179 18.70 15.24 -20.13
N THR B 180 19.69 16.01 -19.68
CA THR B 180 20.92 15.47 -19.09
C THR B 180 20.84 15.29 -17.56
N GLY B 181 19.69 15.60 -16.97
CA GLY B 181 19.44 15.33 -15.57
C GLY B 181 20.21 16.25 -14.64
N SER B 182 20.60 15.68 -13.49
CA SER B 182 21.27 16.39 -12.43
C SER B 182 22.47 15.58 -11.93
N TRP B 183 23.16 16.12 -10.94
CA TRP B 183 24.42 15.55 -10.47
C TRP B 183 24.61 15.92 -8.98
N PRO B 184 25.26 15.05 -8.18
CA PRO B 184 25.40 15.37 -6.76
C PRO B 184 26.15 16.69 -6.52
N GLN B 185 25.63 17.49 -5.59
CA GLN B 185 26.27 18.74 -5.19
C GLN B 185 27.32 18.39 -4.13
N MET B 186 28.54 18.89 -4.30
CA MET B 186 29.64 18.63 -3.38
C MET B 186 30.12 19.98 -2.82
N PRO B 187 30.13 20.14 -1.48
CA PRO B 187 30.57 21.43 -0.94
C PRO B 187 32.07 21.64 -1.14
N ALA B 188 32.47 22.91 -1.21
CA ALA B 188 33.88 23.26 -1.43
C ALA B 188 34.60 23.31 -0.09
N ILE B 189 34.90 22.14 0.46
CA ILE B 189 35.63 22.03 1.74
C ILE B 189 36.97 21.34 1.50
N PRO B 190 37.97 21.60 2.38
CA PRO B 190 39.21 20.82 2.31
C PRO B 190 38.94 19.34 2.53
N GLY B 191 39.47 18.51 1.62
CA GLY B 191 39.31 17.06 1.71
C GLY B 191 38.01 16.52 1.16
N ILE B 192 37.32 17.33 0.33
CA ILE B 192 36.12 16.87 -0.37
C ILE B 192 36.39 15.64 -1.25
N GLU B 193 37.62 15.51 -1.77
CA GLU B 193 38.05 14.32 -2.53
C GLU B 193 38.05 12.99 -1.74
N HIS B 194 38.05 13.06 -0.41
CA HIS B 194 37.93 11.88 0.44
C HIS B 194 36.47 11.45 0.68
N CYS B 195 35.52 12.23 0.18
CA CYS B 195 34.09 11.95 0.32
C CYS B 195 33.53 11.32 -0.95
N ILE B 196 32.37 10.69 -0.83
CA ILE B 196 31.65 10.14 -1.97
C ILE B 196 30.28 10.80 -2.05
N SER B 197 29.56 10.47 -3.11
CA SER B 197 28.15 10.77 -3.26
C SER B 197 27.38 9.45 -3.33
N SER B 198 26.07 9.54 -3.52
CA SER B 198 25.24 8.36 -3.77
C SER B 198 25.76 7.50 -4.94
N ASN B 199 26.33 8.14 -5.98
CA ASN B 199 26.91 7.41 -7.13
C ASN B 199 27.86 6.28 -6.71
N GLU B 200 28.84 6.62 -5.87
CA GLU B 200 29.87 5.67 -5.43
C GLU B 200 29.34 4.70 -4.37
N ALA B 201 28.38 5.15 -3.57
CA ALA B 201 27.74 4.32 -2.53
C ALA B 201 27.15 3.03 -3.09
N PHE B 202 26.62 3.10 -4.30
CA PHE B 202 26.10 1.93 -5.03
C PHE B 202 27.13 0.86 -5.39
N TYR B 203 28.43 1.18 -5.30
CA TYR B 203 29.52 0.29 -5.72
C TYR B 203 30.58 0.05 -4.65
N LEU B 204 30.30 0.42 -3.40
CA LEU B 204 31.24 0.14 -2.32
C LEU B 204 31.50 -1.37 -2.25
N PRO B 205 32.78 -1.78 -2.24
CA PRO B 205 33.07 -3.23 -2.26
C PRO B 205 32.70 -3.93 -0.94
N GLU B 206 32.69 -3.18 0.17
CA GLU B 206 32.28 -3.70 1.47
C GLU B 206 31.41 -2.65 2.19
N PRO B 207 30.51 -3.10 3.07
CA PRO B 207 29.64 -2.16 3.77
C PRO B 207 30.42 -1.47 4.90
N PRO B 208 30.30 -0.14 5.01
CA PRO B 208 31.10 0.59 6.00
C PRO B 208 30.66 0.32 7.43
N ARG B 209 31.63 0.13 8.32
CA ARG B 209 31.33 -0.01 9.74
C ARG B 209 30.78 1.30 10.30
N ARG B 210 31.44 2.40 9.95
CA ARG B 210 31.03 3.73 10.37
C ARG B 210 30.80 4.57 9.13
N VAL B 211 29.66 5.24 9.05
CA VAL B 211 29.36 6.11 7.91
C VAL B 211 28.70 7.39 8.38
N LEU B 212 29.10 8.50 7.79
CA LEU B 212 28.44 9.78 7.94
C LEU B 212 27.73 10.09 6.62
N THR B 213 26.40 10.24 6.66
CA THR B 213 25.65 10.76 5.52
C THR B 213 25.35 12.24 5.80
N VAL B 214 25.74 13.10 4.88
CA VAL B 214 25.66 14.54 5.05
C VAL B 214 24.46 15.08 4.26
N GLY B 215 23.50 15.68 4.96
CA GLY B 215 22.29 16.23 4.34
C GLY B 215 21.04 15.73 5.04
N GLY B 216 19.99 16.54 5.00
CA GLY B 216 18.68 16.19 5.58
C GLY B 216 17.62 15.71 4.59
N GLY B 217 17.98 15.61 3.30
CA GLY B 217 17.03 15.23 2.26
C GLY B 217 16.84 13.73 2.12
N PHE B 218 16.04 13.35 1.13
CA PHE B 218 15.60 11.95 0.99
C PHE B 218 16.72 10.95 0.70
N ILE B 219 17.71 11.35 -0.10
CA ILE B 219 18.83 10.45 -0.44
C ILE B 219 19.64 10.12 0.83
N SER B 220 19.94 11.15 1.62
CA SER B 220 20.70 10.96 2.87
C SER B 220 19.96 10.02 3.82
N VAL B 221 18.68 10.30 4.03
CA VAL B 221 17.83 9.50 4.90
C VAL B 221 17.72 8.04 4.39
N GLU B 222 17.47 7.86 3.09
CA GLU B 222 17.33 6.52 2.50
C GLU B 222 18.61 5.69 2.67
N PHE B 223 19.76 6.30 2.36
CA PHE B 223 21.05 5.60 2.49
C PHE B 223 21.44 5.32 3.94
N ALA B 224 21.10 6.23 4.85
CA ALA B 224 21.29 5.99 6.28
C ALA B 224 20.59 4.68 6.69
N GLY B 225 19.36 4.48 6.23
CA GLY B 225 18.63 3.24 6.47
C GLY B 225 19.29 2.01 5.87
N ILE B 226 19.81 2.14 4.66
CA ILE B 226 20.49 1.04 3.97
C ILE B 226 21.77 0.64 4.72
N PHE B 227 22.62 1.62 5.00
CA PHE B 227 23.89 1.36 5.70
C PHE B 227 23.67 0.82 7.10
N ASN B 228 22.59 1.27 7.74
CA ASN B 228 22.25 0.83 9.10
C ASN B 228 21.97 -0.67 9.16
N ALA B 229 21.34 -1.21 8.11
CA ALA B 229 20.99 -2.63 8.07
C ALA B 229 22.17 -3.54 7.71
N TYR B 230 23.05 -3.07 6.81
CA TYR B 230 24.16 -3.89 6.32
C TYR B 230 25.49 -3.68 7.03
N LYS B 231 25.55 -2.78 8.00
CA LYS B 231 26.81 -2.50 8.70
C LYS B 231 27.32 -3.73 9.46
N PRO B 232 28.64 -3.99 9.44
CA PRO B 232 29.20 -5.10 10.22
C PRO B 232 29.17 -4.81 11.73
N PRO B 233 29.56 -5.79 12.58
CA PRO B 233 29.49 -5.60 14.03
C PRO B 233 30.25 -4.36 14.54
N GLY B 234 29.73 -3.76 15.61
CA GLY B 234 30.31 -2.53 16.16
C GLY B 234 30.12 -1.30 15.29
N GLY B 235 29.13 -1.34 14.39
CA GLY B 235 28.93 -0.28 13.42
C GLY B 235 28.06 0.84 13.94
N LYS B 236 28.10 1.97 13.24
CA LYS B 236 27.28 3.13 13.57
C LYS B 236 27.06 3.99 12.33
N VAL B 237 25.80 4.32 12.07
CA VAL B 237 25.43 5.27 11.01
C VAL B 237 25.10 6.59 11.67
N THR B 238 25.76 7.66 11.21
CA THR B 238 25.48 9.01 11.64
C THR B 238 24.99 9.81 10.42
N LEU B 239 23.89 10.53 10.61
CA LEU B 239 23.40 11.45 9.59
C LEU B 239 23.53 12.83 10.18
N CYS B 240 24.12 13.75 9.43
CA CYS B 240 24.23 15.13 9.89
C CYS B 240 23.51 16.08 8.94
N TYR B 241 22.97 17.15 9.52
CA TYR B 241 22.23 18.16 8.78
C TYR B 241 22.48 19.53 9.41
N ARG B 242 22.73 20.53 8.57
CA ARG B 242 23.16 21.85 9.04
C ARG B 242 22.08 22.65 9.80
N ASN B 243 20.81 22.31 9.62
CA ASN B 243 19.72 23.00 10.33
C ASN B 243 19.03 22.11 11.37
N ASN B 244 17.92 22.57 11.95
CA ASN B 244 17.35 21.94 13.14
CA ASN B 244 17.30 21.96 13.15
C ASN B 244 16.62 20.62 12.89
N LEU B 245 16.04 20.45 11.70
CA LEU B 245 15.14 19.31 11.45
C LEU B 245 15.28 18.78 10.03
N ILE B 246 15.50 17.47 9.90
CA ILE B 246 15.66 16.84 8.59
C ILE B 246 14.39 16.91 7.74
N LEU B 247 14.56 16.62 6.45
CA LEU B 247 13.46 16.51 5.48
C LEU B 247 12.64 17.80 5.32
N ARG B 248 13.34 18.90 5.12
CA ARG B 248 12.72 20.18 4.74
C ARG B 248 11.84 19.96 3.50
N GLY B 249 10.66 20.59 3.50
CA GLY B 249 9.67 20.43 2.43
C GLY B 249 8.60 19.38 2.69
N PHE B 250 8.84 18.47 3.62
CA PHE B 250 7.85 17.46 4.01
C PHE B 250 7.04 17.96 5.20
N ASP B 251 5.95 17.25 5.49
CA ASP B 251 5.08 17.57 6.63
C ASP B 251 5.88 17.58 7.93
N GLU B 252 5.65 18.60 8.76
CA GLU B 252 6.47 18.84 9.96
CA GLU B 252 6.46 18.83 9.96
C GLU B 252 6.30 17.72 10.99
N THR B 253 5.08 17.24 11.17
CA THR B 253 4.83 16.10 12.06
C THR B 253 5.62 14.87 11.60
N ILE B 254 5.61 14.62 10.30
CA ILE B 254 6.35 13.49 9.73
C ILE B 254 7.87 13.67 9.89
N ARG B 255 8.37 14.88 9.69
CA ARG B 255 9.79 15.19 9.87
C ARG B 255 10.26 14.86 11.29
N GLU B 256 9.46 15.27 12.27
CA GLU B 256 9.75 14.99 13.68
C GLU B 256 9.67 13.51 13.96
N GLU B 257 8.62 12.87 13.45
CA GLU B 257 8.34 11.48 13.75
C GLU B 257 9.36 10.55 13.09
N VAL B 258 9.74 10.82 11.85
CA VAL B 258 10.74 9.99 11.18
C VAL B 258 12.13 10.14 11.83
N THR B 259 12.45 11.33 12.34
CA THR B 259 13.66 11.53 13.17
C THR B 259 13.69 10.60 14.39
N LYS B 260 12.56 10.50 15.08
CA LYS B 260 12.44 9.62 16.24
C LYS B 260 12.57 8.15 15.88
N GLN B 261 12.00 7.76 14.74
CA GLN B 261 12.01 6.35 14.33
C GLN B 261 13.36 5.88 13.78
N LEU B 262 14.08 6.77 13.11
CA LEU B 262 15.46 6.48 12.70
C LEU B 262 16.38 6.31 13.91
N THR B 263 16.27 7.25 14.86
CA THR B 263 16.98 7.19 16.14
C THR B 263 16.72 5.87 16.87
N ALA B 264 15.45 5.47 16.95
CA ALA B 264 15.06 4.21 17.59
C ALA B 264 15.65 2.96 16.92
N ASN B 265 15.95 3.04 15.61
CA ASN B 265 16.61 1.93 14.92
C ASN B 265 18.16 2.04 14.93
N GLY B 266 18.70 2.97 15.73
CA GLY B 266 20.14 3.05 15.99
C GLY B 266 20.94 4.06 15.17
N ILE B 267 20.26 4.86 14.34
CA ILE B 267 20.92 5.90 13.54
C ILE B 267 21.09 7.16 14.40
N GLU B 268 22.30 7.69 14.45
CA GLU B 268 22.58 8.95 15.16
C GLU B 268 22.25 10.12 14.23
N ILE B 269 21.37 11.01 14.68
CA ILE B 269 20.98 12.20 13.91
C ILE B 269 21.66 13.43 14.52
N MET B 270 22.66 13.98 13.81
CA MET B 270 23.37 15.20 14.22
C MET B 270 22.81 16.42 13.51
N THR B 271 21.87 17.11 14.15
CA THR B 271 21.33 18.36 13.61
C THR B 271 22.16 19.55 14.04
N ASN B 272 22.02 20.66 13.30
CA ASN B 272 22.81 21.87 13.49
C ASN B 272 24.32 21.61 13.44
N GLU B 273 24.72 20.68 12.56
CA GLU B 273 26.13 20.34 12.38
C GLU B 273 26.42 20.22 10.89
N ASN B 274 27.63 20.58 10.49
CA ASN B 274 28.02 20.57 9.09
C ASN B 274 29.54 20.37 8.94
N PRO B 275 29.98 19.43 8.07
CA PRO B 275 31.43 19.26 7.90
C PRO B 275 32.15 20.51 7.40
N ALA B 276 33.26 20.84 8.07
CA ALA B 276 34.15 21.93 7.65
C ALA B 276 35.39 21.39 6.90
N LYS B 277 35.84 20.19 7.26
CA LYS B 277 36.91 19.52 6.51
C LYS B 277 36.95 18.02 6.77
N VAL B 278 37.63 17.32 5.86
CA VAL B 278 37.86 15.89 5.98
C VAL B 278 39.35 15.63 5.68
N SER B 279 40.00 14.82 6.52
CA SER B 279 41.36 14.36 6.26
C SER B 279 41.39 12.83 6.32
N LEU B 280 42.39 12.25 5.67
CA LEU B 280 42.56 10.79 5.69
C LEU B 280 43.34 10.39 6.93
N ASN B 281 42.79 9.46 7.70
CA ASN B 281 43.55 8.79 8.75
C ASN B 281 44.54 7.83 8.12
N THR B 282 45.50 7.40 8.93
CA THR B 282 46.59 6.55 8.47
C THR B 282 46.15 5.11 8.12
N ASP B 283 44.98 4.71 8.62
CA ASP B 283 44.38 3.42 8.24
C ASP B 283 43.38 3.49 7.06
N GLY B 284 43.30 4.64 6.39
CA GLY B 284 42.37 4.83 5.27
C GLY B 284 41.00 5.40 5.62
N SER B 285 40.63 5.37 6.91
CA SER B 285 39.38 5.97 7.37
C SER B 285 39.45 7.50 7.28
N LYS B 286 38.33 8.16 7.53
CA LYS B 286 38.22 9.61 7.35
C LYS B 286 37.95 10.30 8.68
N HIS B 287 38.64 11.43 8.88
CA HIS B 287 38.51 12.24 10.09
C HIS B 287 37.74 13.49 9.69
N VAL B 288 36.50 13.57 10.14
CA VAL B 288 35.63 14.70 9.83
C VAL B 288 35.73 15.71 10.96
N THR B 289 35.94 16.97 10.61
CA THR B 289 35.86 18.08 11.55
C THR B 289 34.68 18.93 11.15
N PHE B 290 33.75 19.12 12.09
CA PHE B 290 32.57 19.93 11.85
C PHE B 290 32.87 21.39 12.12
N GLU B 291 32.00 22.28 11.64
CA GLU B 291 32.14 23.74 11.87
C GLU B 291 32.16 24.10 13.36
N SER B 292 31.47 23.32 14.19
CA SER B 292 31.49 23.48 15.64
C SER B 292 32.84 23.17 16.30
N GLY B 293 33.68 22.37 15.63
CA GLY B 293 34.91 21.84 16.22
C GLY B 293 34.80 20.38 16.62
N LYS B 294 33.58 19.84 16.65
CA LYS B 294 33.37 18.40 16.87
C LYS B 294 34.09 17.61 15.78
N THR B 295 34.50 16.40 16.13
CA THR B 295 35.13 15.49 15.19
C THR B 295 34.51 14.11 15.24
N LEU B 296 34.64 13.38 14.14
CA LEU B 296 34.09 12.04 14.00
C LEU B 296 34.94 11.26 12.99
N ASP B 297 35.39 10.07 13.39
CA ASP B 297 36.07 9.17 12.48
C ASP B 297 35.07 8.19 11.87
N VAL B 298 35.02 8.15 10.54
CA VAL B 298 34.17 7.21 9.83
C VAL B 298 34.93 6.56 8.70
N ASP B 299 34.37 5.46 8.18
CA ASP B 299 34.95 4.76 7.04
C ASP B 299 34.52 5.37 5.71
N VAL B 300 33.30 5.89 5.66
CA VAL B 300 32.76 6.55 4.46
C VAL B 300 32.07 7.86 4.86
N VAL B 301 32.29 8.90 4.06
CA VAL B 301 31.54 10.15 4.16
C VAL B 301 30.75 10.28 2.86
N MET B 302 29.43 10.16 2.95
CA MET B 302 28.57 10.30 1.78
C MET B 302 27.87 11.66 1.80
N MET B 303 28.27 12.52 0.86
CA MET B 303 27.63 13.80 0.64
C MET B 303 26.32 13.63 -0.12
N ALA B 304 25.23 14.08 0.49
CA ALA B 304 23.91 14.08 -0.12
C ALA B 304 23.20 15.39 0.26
N ILE B 305 23.86 16.50 -0.06
CA ILE B 305 23.37 17.83 0.32
C ILE B 305 22.48 18.48 -0.75
N GLY B 306 22.38 17.84 -1.91
CA GLY B 306 21.54 18.35 -2.98
C GLY B 306 21.95 17.77 -4.31
N ARG B 307 21.13 18.03 -5.33
CA ARG B 307 21.46 17.68 -6.70
C ARG B 307 21.27 18.90 -7.57
N ILE B 308 22.23 19.12 -8.46
CA ILE B 308 22.24 20.34 -9.28
C ILE B 308 22.12 19.98 -10.77
N PRO B 309 21.43 20.84 -11.56
CA PRO B 309 21.24 20.58 -12.99
C PRO B 309 22.55 20.36 -13.73
N ARG B 310 22.56 19.40 -14.64
CA ARG B 310 23.78 19.01 -15.32
C ARG B 310 23.91 19.76 -16.66
N THR B 311 24.38 21.00 -16.55
CA THR B 311 24.47 21.94 -17.67
C THR B 311 25.90 22.33 -18.11
N ASN B 312 26.91 22.00 -17.31
CA ASN B 312 28.30 22.45 -17.55
CA ASN B 312 28.27 22.49 -17.57
C ASN B 312 28.89 21.95 -18.87
N ASP B 313 28.54 20.71 -19.24
CA ASP B 313 29.15 20.07 -20.43
C ASP B 313 28.43 20.34 -21.76
N LEU B 314 27.27 20.99 -21.71
CA LEU B 314 26.43 21.19 -22.90
C LEU B 314 26.87 22.36 -23.79
N GLN B 315 27.78 23.22 -23.29
CA GLN B 315 28.26 24.39 -24.03
C GLN B 315 27.09 25.26 -24.49
N LEU B 316 26.20 25.58 -23.55
CA LEU B 316 24.97 26.33 -23.86
C LEU B 316 25.23 27.78 -24.29
N GLY B 317 26.39 28.32 -23.92
CA GLY B 317 26.84 29.64 -24.38
C GLY B 317 27.07 29.76 -25.88
N ASN B 318 27.36 28.64 -26.55
CA ASN B 318 27.46 28.60 -28.02
C ASN B 318 26.18 28.99 -28.74
N VAL B 319 25.03 28.70 -28.12
CA VAL B 319 23.72 29.04 -28.68
C VAL B 319 22.96 30.09 -27.85
N GLY B 320 23.42 30.35 -26.62
CA GLY B 320 22.78 31.34 -25.75
C GLY B 320 21.48 30.90 -25.11
N VAL B 321 21.37 29.62 -24.77
CA VAL B 321 20.21 29.09 -24.03
C VAL B 321 20.27 29.62 -22.61
N LYS B 322 19.18 30.25 -22.15
CA LYS B 322 19.16 30.94 -20.86
C LYS B 322 19.04 29.96 -19.69
N LEU B 323 19.84 30.21 -18.65
CA LEU B 323 19.73 29.52 -17.38
C LEU B 323 18.99 30.40 -16.38
N THR B 324 18.41 29.78 -15.36
CA THR B 324 17.79 30.51 -14.24
C THR B 324 18.91 30.95 -13.30
N PRO B 325 18.59 31.84 -12.33
CA PRO B 325 19.58 32.19 -11.29
C PRO B 325 20.12 30.99 -10.49
N LYS B 326 19.28 29.98 -10.26
CA LYS B 326 19.69 28.75 -9.57
C LYS B 326 20.56 27.81 -10.41
N GLY B 327 20.50 27.92 -11.74
CA GLY B 327 21.36 27.14 -12.65
C GLY B 327 20.65 26.15 -13.56
N GLY B 328 19.34 26.01 -13.43
CA GLY B 328 18.55 25.16 -14.32
C GLY B 328 18.36 25.84 -15.66
N VAL B 329 18.10 25.04 -16.70
CA VAL B 329 17.69 25.59 -17.99
C VAL B 329 16.33 26.24 -17.78
N GLN B 330 16.23 27.53 -18.13
CA GLN B 330 14.98 28.27 -18.00
C GLN B 330 14.00 27.76 -19.04
N VAL B 331 12.80 27.43 -18.60
CA VAL B 331 11.73 26.97 -19.49
C VAL B 331 10.39 27.57 -19.10
N ASP B 332 9.49 27.67 -20.08
CA ASP B 332 8.10 27.98 -19.81
C ASP B 332 7.35 26.69 -19.43
N GLU B 333 6.04 26.78 -19.28
CA GLU B 333 5.22 25.64 -18.88
CA GLU B 333 5.19 25.64 -18.90
C GLU B 333 5.18 24.51 -19.94
N PHE B 334 5.56 24.81 -21.18
CA PHE B 334 5.62 23.82 -22.25
C PHE B 334 7.04 23.32 -22.56
N SER B 335 7.98 23.52 -21.64
CA SER B 335 9.38 23.04 -21.75
C SER B 335 10.21 23.75 -22.82
N ARG B 336 9.77 24.92 -23.27
CA ARG B 336 10.45 25.68 -24.32
C ARG B 336 11.52 26.56 -23.72
N THR B 337 12.72 26.54 -24.30
CA THR B 337 13.79 27.48 -23.93
C THR B 337 13.56 28.82 -24.65
N ASN B 338 14.50 29.75 -24.49
CA ASN B 338 14.49 31.01 -25.26
C ASN B 338 14.85 30.82 -26.76
N VAL B 339 15.35 29.64 -27.13
CA VAL B 339 15.67 29.34 -28.52
C VAL B 339 14.59 28.37 -29.05
N PRO B 340 13.90 28.73 -30.16
N PRO B 340 13.87 28.75 -30.12
CA PRO B 340 12.71 28.04 -30.71
CA PRO B 340 12.86 27.84 -30.67
C PRO B 340 12.72 26.52 -30.81
C PRO B 340 13.49 26.53 -31.16
N ASN B 341 13.83 25.95 -31.30
N ASN B 341 12.80 25.43 -30.94
CA ASN B 341 13.85 24.51 -31.55
CA ASN B 341 13.32 24.12 -31.32
C ASN B 341 14.49 23.67 -30.44
C ASN B 341 14.45 23.59 -30.40
N ILE B 342 14.78 24.29 -29.30
CA ILE B 342 15.55 23.70 -28.21
C ILE B 342 14.65 23.71 -26.98
N TYR B 343 14.49 22.52 -26.38
CA TYR B 343 13.60 22.29 -25.26
C TYR B 343 14.38 21.63 -24.13
N ALA B 344 13.84 21.71 -22.92
CA ALA B 344 14.47 21.10 -21.76
C ALA B 344 13.42 20.51 -20.82
N ILE B 345 13.67 19.28 -20.38
CA ILE B 345 12.78 18.56 -19.45
C ILE B 345 13.60 17.86 -18.38
N GLY B 346 12.91 17.40 -17.34
CA GLY B 346 13.53 16.61 -16.29
C GLY B 346 14.32 17.43 -15.31
N ASP B 347 15.26 16.80 -14.61
CA ASP B 347 16.03 17.46 -13.53
C ASP B 347 16.85 18.67 -13.99
N ILE B 348 17.22 18.72 -15.28
CA ILE B 348 17.96 19.89 -15.81
C ILE B 348 17.18 21.22 -15.67
N THR B 349 15.84 21.14 -15.58
CA THR B 349 15.00 22.32 -15.34
C THR B 349 14.90 22.72 -13.86
N ASP B 350 15.48 21.91 -12.96
CA ASP B 350 15.67 22.28 -11.53
C ASP B 350 14.36 22.55 -10.81
N ARG B 351 13.33 21.76 -11.11
CA ARG B 351 12.04 21.93 -10.45
C ARG B 351 11.71 20.71 -9.58
N LEU B 352 10.74 19.85 -9.96
CA LEU B 352 10.50 18.59 -9.23
C LEU B 352 11.40 17.51 -9.82
N MET B 353 12.38 17.05 -9.03
CA MET B 353 13.33 16.06 -9.51
C MET B 353 12.82 14.64 -9.24
N LEU B 354 11.84 14.23 -10.06
CA LEU B 354 11.20 12.93 -9.97
C LEU B 354 11.13 12.31 -11.35
N THR B 355 11.32 10.99 -11.42
CA THR B 355 11.28 10.26 -12.69
C THR B 355 9.95 10.38 -13.41
N PRO B 356 8.82 10.13 -12.71
CA PRO B 356 7.54 10.22 -13.41
C PRO B 356 7.19 11.64 -13.92
N VAL B 357 7.70 12.68 -13.26
CA VAL B 357 7.56 14.04 -13.76
C VAL B 357 8.35 14.24 -15.05
N ALA B 358 9.61 13.80 -15.06
CA ALA B 358 10.42 13.86 -16.30
C ALA B 358 9.76 13.13 -17.46
N ILE B 359 9.19 11.96 -17.18
CA ILE B 359 8.47 11.14 -18.18
C ILE B 359 7.27 11.89 -18.72
N ASN B 360 6.48 12.45 -17.81
CA ASN B 360 5.29 13.22 -18.18
C ASN B 360 5.65 14.46 -19.03
N GLU B 361 6.71 15.16 -18.64
CA GLU B 361 7.22 16.31 -19.41
C GLU B 361 7.64 15.90 -20.83
N GLY B 362 8.31 14.77 -20.94
CA GLY B 362 8.76 14.24 -22.24
C GLY B 362 7.62 13.89 -23.18
N ALA B 363 6.59 13.22 -22.65
CA ALA B 363 5.40 12.88 -23.43
C ALA B 363 4.64 14.13 -23.87
N ALA B 364 4.46 15.07 -22.94
CA ALA B 364 3.78 16.34 -23.22
C ALA B 364 4.51 17.17 -24.26
N LEU B 365 5.84 17.23 -24.15
CA LEU B 365 6.66 17.94 -25.13
C LEU B 365 6.46 17.40 -26.54
N VAL B 366 6.51 16.07 -26.69
CA VAL B 366 6.40 15.43 -28.01
C VAL B 366 5.02 15.64 -28.63
N ASP B 367 3.96 15.56 -27.81
CA ASP B 367 2.61 15.86 -28.28
C ASP B 367 2.51 17.32 -28.75
N THR B 368 3.14 18.23 -28.03
CA THR B 368 3.13 19.65 -28.38
C THR B 368 3.88 19.91 -29.69
N VAL B 369 5.10 19.38 -29.80
CA VAL B 369 5.97 19.64 -30.95
C VAL B 369 5.52 18.87 -32.19
N PHE B 370 5.30 17.56 -32.05
CA PHE B 370 5.00 16.70 -33.21
C PHE B 370 3.51 16.38 -33.40
N GLY B 371 2.71 16.47 -32.35
CA GLY B 371 1.25 16.37 -32.48
C GLY B 371 0.55 17.68 -32.81
N ASN B 372 1.23 18.82 -32.63
CA ASN B 372 0.62 20.16 -32.75
C ASN B 372 -0.69 20.32 -31.94
N LYS B 373 -0.70 19.70 -30.76
CA LYS B 373 -1.79 19.79 -29.81
C LYS B 373 -1.14 20.06 -28.46
N PRO B 374 -0.88 21.35 -28.14
CA PRO B 374 -0.07 21.70 -26.99
C PRO B 374 -0.54 21.05 -25.69
N ARG B 375 0.37 20.35 -25.01
CA ARG B 375 0.10 19.74 -23.71
C ARG B 375 1.20 20.15 -22.74
N LYS B 376 0.83 20.30 -21.48
CA LYS B 376 1.76 20.71 -20.44
C LYS B 376 1.60 19.84 -19.20
N THR B 377 2.71 19.64 -18.49
CA THR B 377 2.72 18.86 -17.27
C THR B 377 2.17 19.70 -16.11
N ASP B 378 1.27 19.09 -15.33
CA ASP B 378 0.79 19.66 -14.08
C ASP B 378 1.75 19.28 -12.96
N HIS B 379 2.45 20.28 -12.42
CA HIS B 379 3.42 20.07 -11.34
C HIS B 379 2.83 20.20 -9.93
N THR B 380 1.51 20.41 -9.85
CA THR B 380 0.80 20.41 -8.57
C THR B 380 0.24 19.01 -8.31
N ARG B 381 0.04 18.71 -7.03
CA ARG B 381 -0.61 17.48 -6.59
C ARG B 381 0.08 16.21 -7.11
N VAL B 382 1.40 16.26 -7.26
CA VAL B 382 2.18 15.12 -7.70
C VAL B 382 2.47 14.28 -6.47
N ALA B 383 2.09 13.00 -6.52
CA ALA B 383 2.38 12.08 -5.42
C ALA B 383 3.84 11.65 -5.48
N SER B 384 4.45 11.51 -4.30
CA SER B 384 5.84 11.02 -4.21
C SER B 384 6.08 10.28 -2.90
N ALA B 385 7.25 9.64 -2.82
CA ALA B 385 7.58 8.82 -1.67
C ALA B 385 9.04 8.99 -1.26
N VAL B 386 9.30 8.67 0.00
CA VAL B 386 10.66 8.50 0.52
C VAL B 386 10.72 7.08 1.06
N PHE B 387 11.65 6.28 0.54
CA PHE B 387 11.82 4.90 0.99
C PHE B 387 12.77 4.81 2.19
N SER B 388 12.45 5.61 3.19
CA SER B 388 13.04 5.54 4.50
C SER B 388 12.42 4.32 5.20
N ILE B 389 12.99 3.97 6.34
CA ILE B 389 12.45 2.89 7.16
C ILE B 389 12.14 3.56 8.49
N PRO B 390 10.88 3.89 8.77
CA PRO B 390 9.70 3.64 7.92
C PRO B 390 9.52 4.66 6.77
N PRO B 391 8.76 4.28 5.71
CA PRO B 391 8.62 5.13 4.52
C PRO B 391 7.57 6.23 4.63
N ILE B 392 7.68 7.21 3.71
CA ILE B 392 6.78 8.35 3.62
C ILE B 392 6.05 8.31 2.27
N GLY B 393 4.78 8.69 2.28
CA GLY B 393 4.01 8.94 1.07
C GLY B 393 3.34 10.30 1.22
N THR B 394 3.45 11.13 0.18
CA THR B 394 2.90 12.48 0.23
C THR B 394 2.38 12.92 -1.13
N CYS B 395 1.31 13.73 -1.10
CA CYS B 395 0.76 14.35 -2.30
C CYS B 395 0.15 15.70 -1.93
N GLY B 396 0.51 16.73 -2.67
CA GLY B 396 -0.03 18.07 -2.45
C GLY B 396 0.68 18.86 -1.37
N LEU B 397 -0.03 19.85 -0.83
CA LEU B 397 0.56 20.90 0.00
C LEU B 397 0.73 20.49 1.46
N ILE B 398 1.84 20.92 2.05
CA ILE B 398 1.99 20.90 3.52
C ILE B 398 1.23 22.09 4.07
N GLU B 399 0.81 21.98 5.32
CA GLU B 399 -0.07 22.98 5.95
C GLU B 399 0.50 24.39 6.03
N GLU B 400 1.83 24.50 6.13
CA GLU B 400 2.51 25.80 6.17
C GLU B 400 2.35 26.55 4.85
N VAL B 401 2.38 25.83 3.73
CA VAL B 401 2.20 26.42 2.40
C VAL B 401 0.72 26.73 2.14
N ALA B 402 -0.16 25.79 2.52
CA ALA B 402 -1.61 25.98 2.38
C ALA B 402 -2.11 27.19 3.18
N ALA B 403 -1.58 27.37 4.38
CA ALA B 403 -1.95 28.48 5.26
C ALA B 403 -1.64 29.87 4.70
N LYS B 404 -0.63 29.96 3.83
CA LYS B 404 -0.29 31.23 3.16
C LYS B 404 -1.20 31.53 1.97
N GLU B 405 -1.65 30.49 1.27
CA GLU B 405 -2.44 30.64 0.05
CA GLU B 405 -2.44 30.60 0.03
C GLU B 405 -3.95 30.64 0.30
N PHE B 406 -4.38 30.08 1.44
CA PHE B 406 -5.80 29.99 1.77
C PHE B 406 -6.09 30.61 3.13
N GLU B 407 -7.25 31.26 3.23
CA GLU B 407 -7.65 31.99 4.43
C GLU B 407 -7.99 31.06 5.59
N LYS B 408 -8.72 29.97 5.31
CA LYS B 408 -9.10 29.00 6.33
C LYS B 408 -8.69 27.59 5.89
N VAL B 409 -7.78 27.00 6.67
CA VAL B 409 -7.22 25.68 6.40
C VAL B 409 -7.49 24.79 7.61
N ALA B 410 -7.96 23.56 7.36
CA ALA B 410 -8.16 22.56 8.41
C ALA B 410 -7.14 21.43 8.25
N VAL B 411 -6.64 20.93 9.38
CA VAL B 411 -5.72 19.81 9.41
C VAL B 411 -6.40 18.67 10.17
N TYR B 412 -6.50 17.51 9.50
CA TYR B 412 -6.99 16.29 10.11
C TYR B 412 -5.76 15.42 10.35
N MET B 413 -5.61 14.92 11.56
CA MET B 413 -4.41 14.20 11.96
C MET B 413 -4.80 12.95 12.74
N SER B 414 -4.13 11.84 12.42
CA SER B 414 -4.24 10.61 13.18
C SER B 414 -2.86 9.99 13.31
N SER B 415 -2.47 9.66 14.54
CA SER B 415 -1.20 9.02 14.81
C SER B 415 -1.45 7.87 15.77
N PHE B 416 -1.02 6.66 15.38
CA PHE B 416 -1.23 5.45 16.16
C PHE B 416 -0.15 4.42 15.85
N THR B 417 0.26 3.65 16.86
CA THR B 417 1.10 2.47 16.65
C THR B 417 0.18 1.34 16.19
N PRO B 418 0.41 0.78 14.97
CA PRO B 418 -0.42 -0.36 14.56
C PRO B 418 -0.29 -1.56 15.50
N LEU B 419 -1.36 -2.35 15.61
CA LEU B 419 -1.45 -3.45 16.56
C LEU B 419 -0.33 -4.47 16.41
N MET B 420 0.01 -4.82 15.17
CA MET B 420 1.13 -5.75 14.90
C MET B 420 2.45 -5.32 15.56
N HIS B 421 2.66 -4.01 15.68
CA HIS B 421 3.89 -3.46 16.25
C HIS B 421 3.92 -3.37 17.79
N ASN B 422 2.83 -3.77 18.44
CA ASN B 422 2.89 -4.12 19.87
C ASN B 422 3.49 -5.51 20.02
N ILE B 423 3.02 -6.44 19.19
CA ILE B 423 3.53 -7.83 19.18
C ILE B 423 4.96 -7.92 18.65
N SER B 424 5.28 -7.15 17.60
CA SER B 424 6.59 -7.23 16.95
C SER B 424 7.76 -6.75 17.81
N GLY B 425 7.48 -5.87 18.77
CA GLY B 425 8.53 -5.25 19.58
C GLY B 425 9.03 -3.90 19.06
N SER B 426 8.45 -3.42 17.95
CA SER B 426 8.80 -2.11 17.38
C SER B 426 7.68 -1.12 17.71
N LYS B 427 7.48 -0.86 19.00
CA LYS B 427 6.43 0.05 19.49
C LYS B 427 6.58 1.49 19.01
N TYR B 428 7.82 1.89 18.73
CA TYR B 428 8.13 3.20 18.12
C TYR B 428 7.54 3.45 16.71
N LYS B 429 7.13 2.39 16.01
CA LYS B 429 6.65 2.50 14.62
C LYS B 429 5.23 3.04 14.52
N LYS B 430 5.06 4.31 14.84
CA LYS B 430 3.77 4.99 14.73
C LYS B 430 3.48 5.29 13.26
N PHE B 431 2.25 4.99 12.84
CA PHE B 431 1.73 5.41 11.54
C PHE B 431 1.12 6.80 11.71
N VAL B 432 1.45 7.73 10.81
CA VAL B 432 0.92 9.10 10.85
C VAL B 432 0.17 9.33 9.54
N ALA B 433 -1.07 9.80 9.66
CA ALA B 433 -1.90 10.19 8.51
C ALA B 433 -2.38 11.61 8.73
N LYS B 434 -2.13 12.48 7.76
CA LYS B 434 -2.54 13.88 7.83
C LYS B 434 -3.18 14.34 6.54
N ILE B 435 -4.35 14.97 6.65
CA ILE B 435 -5.06 15.56 5.51
C ILE B 435 -5.19 17.06 5.77
N VAL B 436 -4.79 17.85 4.78
CA VAL B 436 -4.85 19.31 4.82
C VAL B 436 -5.94 19.71 3.84
N THR B 437 -6.91 20.50 4.29
CA THR B 437 -8.02 20.94 3.43
C THR B 437 -8.17 22.45 3.40
N ASN B 438 -8.79 22.94 2.32
CA ASN B 438 -9.40 24.27 2.30
C ASN B 438 -10.72 24.10 3.06
N HIS B 439 -10.80 24.65 4.26
CA HIS B 439 -11.98 24.47 5.12
C HIS B 439 -13.25 25.17 4.60
N SER B 440 -13.11 26.22 3.80
CA SER B 440 -14.27 26.90 3.19
C SER B 440 -15.12 26.01 2.28
N ASP B 441 -14.51 25.05 1.58
CA ASP B 441 -15.27 24.07 0.78
C ASP B 441 -14.92 22.58 1.00
N GLY B 442 -13.99 22.29 1.91
CA GLY B 442 -13.57 20.92 2.19
C GLY B 442 -12.62 20.26 1.20
N THR B 443 -12.14 21.00 0.20
CA THR B 443 -11.26 20.44 -0.83
C THR B 443 -9.93 20.01 -0.22
N VAL B 444 -9.52 18.78 -0.51
CA VAL B 444 -8.28 18.23 0.02
C VAL B 444 -7.10 18.87 -0.73
N LEU B 445 -6.23 19.55 0.02
CA LEU B 445 -5.07 20.23 -0.54
C LEU B 445 -3.80 19.39 -0.48
N GLY B 446 -3.70 18.54 0.54
CA GLY B 446 -2.58 17.60 0.64
C GLY B 446 -2.85 16.44 1.56
N VAL B 447 -2.13 15.36 1.35
CA VAL B 447 -2.21 14.15 2.18
C VAL B 447 -0.78 13.71 2.46
N HIS B 448 -0.45 13.44 3.73
CA HIS B 448 0.91 13.13 4.15
C HIS B 448 0.88 11.91 5.08
N LEU B 449 1.62 10.88 4.68
CA LEU B 449 1.60 9.58 5.35
C LEU B 449 3.00 9.17 5.78
N LEU B 450 3.12 8.61 6.97
CA LEU B 450 4.35 7.97 7.44
C LEU B 450 3.99 6.59 7.96
N GLY B 451 4.70 5.57 7.47
CA GLY B 451 4.55 4.21 7.97
C GLY B 451 4.47 3.21 6.83
N ASP B 452 4.52 1.93 7.19
CA ASP B 452 4.58 0.86 6.19
C ASP B 452 3.39 0.95 5.24
N GLY B 453 3.67 0.81 3.95
CA GLY B 453 2.65 0.95 2.91
C GLY B 453 2.40 2.35 2.37
N ALA B 454 2.92 3.40 3.03
CA ALA B 454 2.65 4.78 2.62
C ALA B 454 2.88 5.10 1.12
N PRO B 455 4.00 4.64 0.51
CA PRO B 455 4.20 4.86 -0.93
C PRO B 455 3.13 4.24 -1.84
N GLU B 456 2.63 3.07 -1.45
CA GLU B 456 1.58 2.38 -2.20
C GLU B 456 0.20 3.01 -1.97
N ILE B 457 -0.07 3.44 -0.74
CA ILE B 457 -1.35 4.08 -0.39
C ILE B 457 -1.56 5.40 -1.14
N ILE B 458 -0.49 6.18 -1.26
CA ILE B 458 -0.56 7.55 -1.77
C ILE B 458 -0.83 7.66 -3.29
N GLN B 459 -0.59 6.59 -4.05
CA GLN B 459 -0.77 6.66 -5.51
C GLN B 459 -2.20 7.02 -5.93
N ALA B 460 -3.16 6.27 -5.44
CA ALA B 460 -4.56 6.53 -5.75
C ALA B 460 -5.07 7.82 -5.08
N VAL B 461 -4.42 8.26 -4.00
CA VAL B 461 -4.67 9.58 -3.39
C VAL B 461 -4.35 10.67 -4.42
N GLY B 462 -3.26 10.50 -5.19
CA GLY B 462 -2.97 11.37 -6.33
C GLY B 462 -4.14 11.53 -7.30
N VAL B 463 -4.78 10.40 -7.63
CA VAL B 463 -5.96 10.40 -8.50
C VAL B 463 -7.12 11.17 -7.85
N CYS B 464 -7.31 10.98 -6.55
CA CYS B 464 -8.37 11.70 -5.80
C CYS B 464 -8.21 13.21 -5.88
N LEU B 465 -6.98 13.69 -5.70
CA LEU B 465 -6.69 15.13 -5.78
C LEU B 465 -6.87 15.70 -7.20
N ARG B 466 -6.60 14.91 -8.24
CA ARG B 466 -6.90 15.32 -9.62
CA ARG B 466 -6.91 15.32 -9.62
C ARG B 466 -8.41 15.52 -9.80
N LEU B 467 -9.20 14.69 -9.11
CA LEU B 467 -10.65 14.78 -9.12
C LEU B 467 -11.23 15.80 -8.12
N ASN B 468 -10.37 16.61 -7.51
CA ASN B 468 -10.76 17.64 -6.54
C ASN B 468 -11.56 17.08 -5.37
N ALA B 469 -11.09 15.95 -4.85
CA ALA B 469 -11.73 15.28 -3.72
C ALA B 469 -11.84 16.21 -2.53
N LYS B 470 -12.98 16.16 -1.86
CA LYS B 470 -13.19 16.83 -0.59
C LYS B 470 -13.02 15.84 0.54
N ILE B 471 -12.79 16.35 1.75
CA ILE B 471 -12.66 15.50 2.94
C ILE B 471 -13.83 14.53 3.12
N SER B 472 -15.05 14.98 2.81
CA SER B 472 -16.23 14.12 2.91
C SER B 472 -16.24 12.98 1.90
N ASP B 473 -15.57 13.16 0.77
CA ASP B 473 -15.37 12.06 -0.18
C ASP B 473 -14.49 10.94 0.41
N PHE B 474 -13.56 11.31 1.29
CA PHE B 474 -12.77 10.33 2.04
C PHE B 474 -13.57 9.67 3.17
N TYR B 475 -14.16 10.47 4.07
CA TYR B 475 -14.85 9.86 5.23
C TYR B 475 -16.19 9.17 4.91
N ASN B 476 -16.79 9.43 3.76
CA ASN B 476 -17.98 8.70 3.30
C ASN B 476 -17.65 7.48 2.44
N THR B 477 -16.38 7.25 2.14
CA THR B 477 -15.96 6.02 1.50
C THR B 477 -15.80 4.94 2.57
N ILE B 478 -16.28 3.73 2.27
CA ILE B 478 -16.22 2.62 3.20
C ILE B 478 -14.79 2.09 3.30
N GLY B 479 -14.32 1.86 4.52
CA GLY B 479 -12.97 1.39 4.76
C GLY B 479 -12.71 -0.04 4.31
N VAL B 480 -11.44 -0.36 4.06
CA VAL B 480 -10.95 -1.72 3.90
C VAL B 480 -10.26 -2.02 5.20
N HIS B 481 -10.64 -3.13 5.85
CA HIS B 481 -10.23 -3.43 7.21
C HIS B 481 -9.67 -4.85 7.31
N PRO B 482 -8.58 -5.08 8.05
CA PRO B 482 -7.77 -4.05 8.69
C PRO B 482 -6.61 -3.59 7.79
N THR B 483 -6.51 -2.28 7.57
CA THR B 483 -5.40 -1.67 6.85
C THR B 483 -4.97 -0.39 7.58
N SER B 484 -3.78 0.10 7.27
CA SER B 484 -3.39 1.44 7.66
C SER B 484 -4.13 2.50 6.83
N ALA B 485 -4.36 2.20 5.55
CA ALA B 485 -5.01 3.14 4.62
C ALA B 485 -6.38 3.63 5.07
N GLU B 486 -7.15 2.79 5.75
CA GLU B 486 -8.51 3.14 6.18
C GLU B 486 -8.55 4.30 7.17
N GLU B 487 -7.43 4.61 7.79
CA GLU B 487 -7.32 5.83 8.60
C GLU B 487 -7.67 7.10 7.81
N LEU B 488 -7.33 7.12 6.52
CA LEU B 488 -7.70 8.24 5.64
C LEU B 488 -9.21 8.44 5.46
N CYS B 489 -10.00 7.37 5.65
CA CYS B 489 -11.47 7.44 5.60
C CYS B 489 -12.14 7.50 7.00
N SER B 490 -11.35 7.76 8.05
CA SER B 490 -11.85 7.73 9.43
C SER B 490 -11.68 9.06 10.17
N MET B 491 -11.39 10.14 9.44
CA MET B 491 -11.10 11.43 10.04
C MET B 491 -12.16 12.44 9.59
N ARG B 492 -13.09 12.72 10.51
CA ARG B 492 -14.25 13.57 10.25
C ARG B 492 -14.13 15.00 10.79
N THR B 493 -13.37 15.18 11.87
CA THR B 493 -13.27 16.44 12.60
C THR B 493 -11.82 16.93 12.55
N PRO B 494 -11.59 18.20 12.16
CA PRO B 494 -10.23 18.75 12.19
C PRO B 494 -9.57 18.70 13.57
N SER B 495 -8.28 18.44 13.59
CA SER B 495 -7.50 18.45 14.84
C SER B 495 -7.13 19.88 15.21
N TYR B 496 -6.85 20.69 14.19
CA TYR B 496 -6.62 22.12 14.36
C TYR B 496 -6.78 22.86 13.03
N TYR B 497 -6.68 24.20 13.08
CA TYR B 497 -6.89 25.05 11.91
C TYR B 497 -5.77 26.06 11.74
N TYR B 498 -5.71 26.66 10.56
CA TYR B 498 -4.99 27.90 10.32
C TYR B 498 -5.99 28.91 9.81
N VAL B 499 -6.08 30.07 10.49
CA VAL B 499 -6.96 31.16 10.08
C VAL B 499 -6.09 32.38 9.76
N LYS B 500 -6.09 32.80 8.51
CA LYS B 500 -5.22 33.87 8.01
C LYS B 500 -3.74 33.64 8.39
N GLY B 501 -3.28 32.41 8.21
CA GLY B 501 -1.90 32.02 8.52
C GLY B 501 -1.59 31.71 9.98
N GLU B 502 -2.58 31.81 10.85
CA GLU B 502 -2.38 31.66 12.30
C GLU B 502 -2.94 30.33 12.81
N LYS B 503 -2.09 29.51 13.44
CA LYS B 503 -2.51 28.21 13.98
C LYS B 503 -3.39 28.38 15.22
N MET B 504 -4.40 27.52 15.33
CA MET B 504 -5.32 27.51 16.48
C MET B 504 -6.14 26.23 16.51
N GLU B 505 -6.49 25.78 17.72
CA GLU B 505 -7.24 24.53 17.90
C GLU B 505 -8.69 24.65 17.42
N LYS B 506 -9.35 25.77 17.74
CA LYS B 506 -10.75 26.02 17.39
C LYS B 506 -10.83 27.20 16.42
N LEU B 507 -11.93 27.25 15.66
CA LEU B 507 -12.25 28.42 14.83
C LEU B 507 -12.90 29.51 15.70
N PRO B 508 -12.83 30.79 15.25
CA PRO B 508 -13.64 31.84 15.90
C PRO B 508 -15.14 31.66 15.66
#